data_1H4P
#
_entry.id   1H4P
#
_cell.length_a   102.597
_cell.length_b   102.597
_cell.length_c   203.662
_cell.angle_alpha   90.00
_cell.angle_beta   90.00
_cell.angle_gamma   90.00
#
_symmetry.space_group_name_H-M   'P 41 21 2'
#
loop_
_entity.id
_entity.type
_entity.pdbx_description
1 polymer 'GLUCAN 1,3-BETA-GLUCOSIDASE I/II'
2 branched beta-D-mannopyranose-(1-2)-alpha-D-mannopyranose-(1-3)-[alpha-D-mannopyranose-(1-2)-beta-D-mannopyranose-(1-6)]alpha-D-mannopyranose-(1-6)-[beta-D-mannopyranose-(1-2)-beta-D-mannopyranose-(1-3)]beta-D-mannopyranose-(1-4)-2-acetamido-2-deoxy-beta-D-glucopyranose-(1-4)-2-acetamido-2-deoxy-beta-D-glucopyranose
3 branched beta-D-mannopyranose-(1-3)-[beta-D-mannopyranose-(1-6)]beta-D-mannopyranose-(1-4)-2-acetamido-2-deoxy-beta-D-glucopyranose-(1-4)-2-acetamido-2-deoxy-beta-D-glucopyranose
4 branched beta-D-mannopyranose-(1-2)-beta-D-mannopyranose-(1-3)-[beta-D-mannopyranose-(1-3)-[beta-D-mannopyranose-(1-6)]beta-D-mannopyranose-(1-6)]alpha-D-mannopyranose-(1-4)-2-acetamido-2-deoxy-beta-D-glucopyranose-(1-4)-2-acetamido-2-deoxy-beta-D-glucopyranose
5 branched 2-acetamido-2-deoxy-beta-D-glucopyranose-(1-4)-2-acetamido-2-deoxy-beta-D-glucopyranose
6 non-polymer GLYCEROL
7 water water
#
_entity_poly.entity_id   1
_entity_poly.type   'polypeptide(L)'
_entity_poly.pdbx_seq_one_letter_code
;YYDYDHGSLGEPIRGVNIGGWLLLEPYITPSLFEAFRTNDDNDEGIPVDEYHFCQYLGKDLAKSRLQSHWSTFYQEQDFA
NIASQGFNLVRIPIGYWAFQILDDDPYVSGLQESYLDQAIGWARNNSLKVWVDLHGAAGSQNGFDNSGLRDSYKFLEDSN
LAVTINVLNYILKKYSAEEYLDIVIGIELINEPLGPVLDMDKMKNDYLAPAYEYLRNNIKSDQVIIIHDAFQPYNYWDDF
MTENDGYWGVTIDHHHYQVFASDQLERSIDEHIKVACEWGTGVLNESHWIVCGEFAAALTDCIKWLNSVGFGARYDGSWV
NGDQTSSYIGSCANNDDIAYWSDERKENTRRYVEAQLDAFEMRGGWIIWCYKTESSLEWDAQRLMFNGLFPQPLTDRKYP
NQCGTISN
;
_entity_poly.pdbx_strand_id   A,B
#
loop_
_chem_comp.id
_chem_comp.type
_chem_comp.name
_chem_comp.formula
BMA D-saccharide, beta linking beta-D-mannopyranose 'C6 H12 O6'
GOL non-polymer GLYCEROL 'C3 H8 O3'
MAN D-saccharide, alpha linking alpha-D-mannopyranose 'C6 H12 O6'
NAG D-saccharide, beta linking 2-acetamido-2-deoxy-beta-D-glucopyranose 'C8 H15 N O6'
#
# COMPACT_ATOMS: atom_id res chain seq x y z
N TYR A 1 -23.45 1.06 25.08
CA TYR A 1 -23.28 -0.23 25.81
C TYR A 1 -23.18 -1.42 24.85
N TYR A 2 -22.49 -2.45 25.30
CA TYR A 2 -22.33 -3.70 24.55
C TYR A 2 -22.09 -4.80 25.58
N ASP A 3 -22.81 -5.91 25.46
CA ASP A 3 -22.67 -7.03 26.38
C ASP A 3 -21.68 -8.02 25.76
N TYR A 4 -20.42 -7.95 26.17
CA TYR A 4 -19.41 -8.82 25.60
C TYR A 4 -19.58 -10.31 25.84
N ASP A 5 -20.40 -10.70 26.81
CA ASP A 5 -20.64 -12.12 27.05
C ASP A 5 -21.88 -12.58 26.29
N HIS A 6 -22.66 -11.62 25.81
CA HIS A 6 -23.87 -11.91 25.02
C HIS A 6 -24.05 -10.75 24.07
N GLY A 7 -23.10 -10.58 23.15
CA GLY A 7 -23.12 -9.48 22.20
C GLY A 7 -24.22 -9.44 21.15
N SER A 8 -24.70 -8.23 20.87
CA SER A 8 -25.75 -8.05 19.89
C SER A 8 -25.31 -8.48 18.48
N LEU A 9 -24.00 -8.65 18.29
CA LEU A 9 -23.49 -9.08 16.98
C LEU A 9 -23.90 -10.53 16.72
N GLY A 10 -24.27 -11.25 17.77
CA GLY A 10 -24.66 -12.63 17.61
C GLY A 10 -23.50 -13.57 17.35
N GLU A 11 -22.30 -13.06 17.56
CA GLU A 11 -21.07 -13.82 17.36
C GLU A 11 -19.99 -13.12 18.17
N PRO A 12 -18.89 -13.82 18.46
CA PRO A 12 -17.84 -13.14 19.24
C PRO A 12 -17.17 -12.05 18.44
N ILE A 13 -16.36 -11.24 19.11
CA ILE A 13 -15.63 -10.18 18.43
C ILE A 13 -14.63 -10.87 17.52
N ARG A 14 -14.56 -10.39 16.28
CA ARG A 14 -13.62 -10.90 15.27
C ARG A 14 -13.10 -9.64 14.62
N GLY A 15 -12.09 -9.04 15.25
CA GLY A 15 -11.58 -7.80 14.71
C GLY A 15 -10.15 -7.75 14.25
N VAL A 16 -9.75 -6.58 13.77
CA VAL A 16 -8.40 -6.35 13.30
C VAL A 16 -7.91 -5.05 13.90
N ASN A 17 -6.61 -4.98 14.13
CA ASN A 17 -6.00 -3.78 14.68
C ASN A 17 -5.51 -2.89 13.56
N ILE A 18 -5.88 -1.62 13.64
CA ILE A 18 -5.50 -0.62 12.65
C ILE A 18 -4.16 -0.10 13.17
N GLY A 19 -3.18 -1.00 13.21
CA GLY A 19 -1.86 -0.67 13.74
C GLY A 19 -0.92 0.16 12.89
N GLY A 20 -0.15 0.99 13.57
CA GLY A 20 0.83 1.83 12.90
C GLY A 20 0.29 2.99 12.10
N TRP A 21 -0.98 3.29 12.29
CA TRP A 21 -1.61 4.37 11.54
C TRP A 21 -1.46 5.71 12.27
N LEU A 22 -2.26 5.90 13.33
CA LEU A 22 -2.21 7.15 14.08
C LEU A 22 -1.10 7.18 15.14
N LEU A 23 -0.35 6.08 15.23
CA LEU A 23 0.77 5.96 16.14
C LEU A 23 1.77 5.08 15.38
N LEU A 24 2.90 5.66 14.99
CA LEU A 24 3.91 4.96 14.22
C LEU A 24 4.65 3.84 14.94
N GLU A 25 4.88 2.75 14.21
CA GLU A 25 5.63 1.61 14.73
C GLU A 25 6.58 1.20 13.61
N PRO A 26 7.90 1.33 13.84
CA PRO A 26 8.91 0.98 12.85
C PRO A 26 8.74 -0.32 12.07
N TYR A 27 8.44 -1.43 12.74
CA TYR A 27 8.33 -2.69 12.00
C TYR A 27 7.11 -2.76 11.09
N ILE A 28 6.09 -1.96 11.39
CA ILE A 28 4.87 -1.93 10.57
C ILE A 28 5.09 -1.07 9.33
N THR A 29 5.71 0.10 9.48
CA THR A 29 6.01 0.96 8.33
C THR A 29 7.49 1.32 8.37
N PRO A 30 8.36 0.34 8.07
CA PRO A 30 9.80 0.60 8.08
C PRO A 30 10.30 1.70 7.13
N SER A 31 9.61 1.90 6.00
CA SER A 31 10.06 2.91 5.05
C SER A 31 10.10 4.32 5.64
N LEU A 32 9.20 4.61 6.59
CA LEU A 32 9.16 5.92 7.21
C LEU A 32 10.43 6.17 8.02
N PHE A 33 10.99 5.10 8.55
CA PHE A 33 12.19 5.21 9.36
C PHE A 33 13.45 4.97 8.53
N GLU A 34 13.36 4.11 7.52
CA GLU A 34 14.50 3.86 6.65
C GLU A 34 14.83 5.15 5.89
N ALA A 35 13.88 6.07 5.85
CA ALA A 35 14.07 7.35 5.16
C ALA A 35 15.17 8.17 5.82
N PHE A 36 15.47 7.87 7.08
CA PHE A 36 16.48 8.59 7.83
C PHE A 36 17.89 8.01 7.70
N ARG A 37 18.00 6.78 7.20
CA ARG A 37 19.29 6.14 7.06
C ARG A 37 20.19 6.89 6.07
N THR A 38 21.40 7.21 6.51
CA THR A 38 22.36 7.92 5.67
C THR A 38 23.54 7.03 5.32
N ASN A 39 23.69 5.94 6.08
CA ASN A 39 24.76 4.99 5.84
C ASN A 39 24.13 3.59 5.80
N ASP A 40 24.26 2.92 4.66
CA ASP A 40 23.67 1.59 4.48
C ASP A 40 24.30 0.57 5.41
N ASP A 41 25.37 0.96 6.09
CA ASP A 41 26.08 0.05 6.99
C ASP A 41 25.72 0.15 8.47
N ASN A 42 24.97 1.19 8.87
CA ASN A 42 24.59 1.33 10.26
C ASN A 42 23.27 2.08 10.44
N ASP A 43 22.70 2.00 11.64
CA ASP A 43 21.42 2.65 11.93
C ASP A 43 21.54 4.04 12.55
N GLU A 44 22.73 4.64 12.45
CA GLU A 44 22.93 5.97 13.02
C GLU A 44 22.02 7.02 12.37
N GLY A 45 21.29 7.76 13.21
CA GLY A 45 20.40 8.78 12.70
C GLY A 45 18.96 8.32 12.52
N ILE A 46 18.72 7.02 12.64
CA ILE A 46 17.36 6.50 12.48
C ILE A 46 16.59 6.61 13.79
N PRO A 47 15.46 7.35 13.79
CA PRO A 47 14.66 7.51 15.00
C PRO A 47 14.11 6.15 15.42
N VAL A 48 13.90 5.95 16.71
CA VAL A 48 13.40 4.66 17.21
C VAL A 48 11.92 4.67 17.55
N ASP A 49 11.27 5.82 17.45
CA ASP A 49 9.85 5.94 17.75
C ASP A 49 9.29 7.23 17.16
N GLU A 50 7.98 7.43 17.26
CA GLU A 50 7.39 8.63 16.70
C GLU A 50 7.86 9.90 17.39
N TYR A 51 8.18 9.79 18.68
CA TYR A 51 8.66 10.92 19.45
C TYR A 51 9.89 11.51 18.75
N HIS A 52 10.87 10.65 18.49
CA HIS A 52 12.10 11.09 17.84
C HIS A 52 11.96 11.32 16.34
N PHE A 53 10.95 10.71 15.73
CA PHE A 53 10.69 10.91 14.31
C PHE A 53 10.33 12.39 14.16
N CYS A 54 9.50 12.88 15.09
CA CYS A 54 9.08 14.28 15.05
C CYS A 54 10.24 15.20 15.46
N GLN A 55 10.92 14.84 16.54
CA GLN A 55 12.03 15.64 17.03
C GLN A 55 13.09 15.85 15.94
N TYR A 56 13.49 14.77 15.28
CA TYR A 56 14.51 14.83 14.22
C TYR A 56 14.12 15.70 13.03
N LEU A 57 12.89 15.53 12.55
CA LEU A 57 12.44 16.29 11.39
C LEU A 57 12.04 17.72 11.68
N GLY A 58 11.49 17.95 12.87
CA GLY A 58 11.04 19.30 13.20
C GLY A 58 9.56 19.34 12.87
N LYS A 59 8.82 20.24 13.51
CA LYS A 59 7.39 20.37 13.31
C LYS A 59 6.88 20.36 11.87
N ASP A 60 7.37 21.28 11.04
CA ASP A 60 6.91 21.38 9.66
C ASP A 60 7.07 20.11 8.84
N LEU A 61 8.30 19.59 8.80
CA LEU A 61 8.59 18.38 8.03
C LEU A 61 7.88 17.16 8.60
N ALA A 62 7.78 17.09 9.92
CA ALA A 62 7.12 15.95 10.56
C ALA A 62 5.64 15.97 10.20
N LYS A 63 5.05 17.16 10.18
CA LYS A 63 3.65 17.31 9.86
C LYS A 63 3.32 16.89 8.41
N SER A 64 4.10 17.37 7.45
CA SER A 64 3.84 17.02 6.06
C SER A 64 3.99 15.52 5.81
N ARG A 65 5.02 14.91 6.38
CA ARG A 65 5.21 13.47 6.19
C ARG A 65 4.12 12.67 6.89
N LEU A 66 3.74 13.09 8.08
CA LEU A 66 2.69 12.38 8.81
C LEU A 66 1.37 12.51 8.07
N GLN A 67 1.09 13.71 7.55
CA GLN A 67 -0.16 13.94 6.81
C GLN A 67 -0.24 13.01 5.60
N SER A 68 0.87 12.81 4.91
CA SER A 68 0.89 11.93 3.75
C SER A 68 0.60 10.51 4.20
N HIS A 69 1.20 10.12 5.32
CA HIS A 69 1.02 8.80 5.89
C HIS A 69 -0.43 8.59 6.37
N TRP A 70 -0.93 9.51 7.19
CA TRP A 70 -2.29 9.35 7.72
C TRP A 70 -3.34 9.29 6.62
N SER A 71 -3.18 10.11 5.59
CA SER A 71 -4.14 10.16 4.51
C SER A 71 -4.08 8.99 3.53
N THR A 72 -3.06 8.14 3.65
CA THR A 72 -2.94 7.01 2.72
C THR A 72 -2.80 5.61 3.31
N PHE A 73 -2.10 5.47 4.43
CA PHE A 73 -1.89 4.14 4.99
C PHE A 73 -3.21 3.38 5.17
N TYR A 74 -4.25 4.10 5.57
CA TYR A 74 -5.59 3.52 5.73
C TYR A 74 -6.59 4.48 5.10
N GLN A 75 -7.50 3.95 4.28
CA GLN A 75 -8.54 4.75 3.66
C GLN A 75 -9.84 3.95 3.77
N GLU A 76 -10.96 4.54 3.35
CA GLU A 76 -12.22 3.80 3.48
C GLU A 76 -12.15 2.43 2.79
N GLN A 77 -11.43 2.37 1.67
CA GLN A 77 -11.27 1.13 0.93
C GLN A 77 -10.86 -0.03 1.86
N ASP A 78 -9.92 0.23 2.76
CA ASP A 78 -9.46 -0.78 3.70
C ASP A 78 -10.60 -1.30 4.56
N PHE A 79 -11.44 -0.39 5.05
CA PHE A 79 -12.56 -0.81 5.89
C PHE A 79 -13.59 -1.63 5.14
N ALA A 80 -13.75 -1.35 3.85
CA ALA A 80 -14.69 -2.12 3.03
C ALA A 80 -14.11 -3.53 2.89
N ASN A 81 -12.79 -3.61 2.67
CA ASN A 81 -12.14 -4.91 2.54
C ASN A 81 -12.29 -5.70 3.84
N ILE A 82 -12.02 -5.04 4.96
CA ILE A 82 -12.15 -5.67 6.27
C ILE A 82 -13.54 -6.29 6.43
N ALA A 83 -14.57 -5.50 6.16
CA ALA A 83 -15.95 -6.01 6.29
C ALA A 83 -16.22 -7.17 5.34
N SER A 84 -15.69 -7.09 4.12
CA SER A 84 -15.90 -8.14 3.13
C SER A 84 -15.27 -9.47 3.55
N GLN A 85 -14.30 -9.39 4.46
CA GLN A 85 -13.61 -10.58 4.93
C GLN A 85 -14.22 -11.20 6.20
N GLY A 86 -15.36 -10.67 6.63
CA GLY A 86 -16.04 -11.23 7.80
C GLY A 86 -15.78 -10.62 9.16
N PHE A 87 -14.76 -9.78 9.26
CA PHE A 87 -14.44 -9.15 10.53
C PHE A 87 -15.60 -8.24 10.95
N ASN A 88 -15.80 -8.10 12.25
CA ASN A 88 -16.90 -7.27 12.73
C ASN A 88 -16.46 -6.08 13.57
N LEU A 89 -15.15 -5.90 13.74
CA LEU A 89 -14.66 -4.79 14.54
C LEU A 89 -13.24 -4.35 14.18
N VAL A 90 -12.96 -3.08 14.45
CA VAL A 90 -11.64 -2.52 14.23
C VAL A 90 -11.22 -1.84 15.53
N ARG A 91 -9.95 -2.01 15.90
CA ARG A 91 -9.39 -1.41 17.12
C ARG A 91 -8.44 -0.34 16.61
N ILE A 92 -8.66 0.91 17.02
CA ILE A 92 -7.84 2.02 16.54
C ILE A 92 -6.96 2.69 17.60
N PRO A 93 -5.65 2.43 17.55
CA PRO A 93 -4.73 3.03 18.52
C PRO A 93 -4.53 4.51 18.18
N ILE A 94 -4.41 5.34 19.22
CA ILE A 94 -4.14 6.77 19.02
C ILE A 94 -3.34 7.23 20.25
N GLY A 95 -2.44 8.17 20.04
CA GLY A 95 -1.61 8.65 21.14
C GLY A 95 -2.22 9.84 21.86
N TYR A 96 -1.80 10.07 23.10
CA TYR A 96 -2.33 11.19 23.86
C TYR A 96 -2.01 12.51 23.15
N TRP A 97 -0.85 12.56 22.51
CA TRP A 97 -0.40 13.77 21.82
C TRP A 97 -1.31 14.23 20.67
N ALA A 98 -2.22 13.36 20.25
CA ALA A 98 -3.14 13.75 19.18
C ALA A 98 -4.06 14.84 19.72
N PHE A 99 -4.31 14.77 21.03
CA PHE A 99 -5.22 15.72 21.67
C PHE A 99 -4.56 16.81 22.52
N GLN A 100 -3.45 16.49 23.16
CA GLN A 100 -2.78 17.46 24.03
C GLN A 100 -1.30 17.09 24.13
N ILE A 101 -0.43 18.09 24.08
CA ILE A 101 1.00 17.83 24.17
C ILE A 101 1.66 18.52 25.35
N LEU A 102 2.75 17.94 25.84
CA LEU A 102 3.50 18.50 26.94
C LEU A 102 4.23 19.71 26.36
N ASP A 103 4.58 20.67 27.20
CA ASP A 103 5.26 21.87 26.75
C ASP A 103 6.48 21.57 25.87
N ASP A 104 7.20 20.50 26.20
CA ASP A 104 8.40 20.15 25.43
C ASP A 104 8.23 18.96 24.48
N ASP A 105 6.99 18.61 24.15
CA ASP A 105 6.73 17.50 23.23
C ASP A 105 7.00 17.91 21.79
N PRO A 106 7.64 17.02 21.02
CA PRO A 106 7.95 17.30 19.61
C PRO A 106 6.81 16.85 18.68
N TYR A 107 5.89 16.07 19.23
CA TYR A 107 4.75 15.54 18.48
C TYR A 107 3.92 16.52 17.66
N VAL A 108 3.39 16.05 16.54
CA VAL A 108 2.49 16.83 15.70
C VAL A 108 1.15 16.51 16.35
N SER A 109 0.35 17.54 16.61
CA SER A 109 -0.92 17.34 17.29
C SER A 109 -2.09 18.03 16.61
N GLY A 110 -3.30 17.67 17.03
CA GLY A 110 -4.50 18.29 16.49
C GLY A 110 -5.01 17.85 15.13
N LEU A 111 -4.32 16.91 14.48
CA LEU A 111 -4.75 16.46 13.17
C LEU A 111 -5.24 15.02 13.15
N GLN A 112 -4.81 14.22 14.13
CA GLN A 112 -5.20 12.81 14.19
C GLN A 112 -6.67 12.55 14.52
N GLU A 113 -7.28 13.45 15.28
CA GLU A 113 -8.68 13.29 15.66
C GLU A 113 -9.59 13.27 14.43
N SER A 114 -9.26 14.08 13.44
CA SER A 114 -10.06 14.13 12.21
C SER A 114 -10.06 12.75 11.53
N TYR A 115 -8.89 12.13 11.46
CA TYR A 115 -8.78 10.82 10.84
C TYR A 115 -9.51 9.76 11.66
N LEU A 116 -9.42 9.88 12.99
CA LEU A 116 -10.10 8.93 13.87
C LEU A 116 -11.60 9.01 13.61
N ASP A 117 -12.12 10.22 13.53
CA ASP A 117 -13.54 10.41 13.27
C ASP A 117 -13.93 9.87 11.89
N GLN A 118 -13.07 10.06 10.90
CA GLN A 118 -13.34 9.56 9.56
C GLN A 118 -13.43 8.03 9.59
N ALA A 119 -12.47 7.42 10.28
CA ALA A 119 -12.44 5.96 10.40
C ALA A 119 -13.69 5.43 11.11
N ILE A 120 -14.18 6.15 12.10
CA ILE A 120 -15.39 5.71 12.80
C ILE A 120 -16.54 5.78 11.80
N GLY A 121 -16.52 6.79 10.94
CA GLY A 121 -17.56 6.92 9.93
C GLY A 121 -17.46 5.78 8.93
N TRP A 122 -16.24 5.46 8.51
CA TRP A 122 -16.03 4.36 7.57
C TRP A 122 -16.52 3.06 8.20
N ALA A 123 -16.28 2.90 9.49
CA ALA A 123 -16.71 1.69 10.19
C ALA A 123 -18.23 1.58 10.19
N ARG A 124 -18.91 2.69 10.53
CA ARG A 124 -20.37 2.67 10.54
C ARG A 124 -20.86 2.35 9.14
N ASN A 125 -20.23 2.99 8.17
CA ASN A 125 -20.53 2.82 6.74
C ASN A 125 -20.50 1.34 6.34
N ASN A 126 -19.57 0.60 6.92
CA ASN A 126 -19.39 -0.82 6.61
C ASN A 126 -19.83 -1.81 7.69
N SER A 127 -20.72 -1.37 8.56
CA SER A 127 -21.23 -2.22 9.62
C SER A 127 -20.11 -2.85 10.45
N LEU A 128 -19.18 -2.03 10.89
CA LEU A 128 -18.06 -2.49 11.71
C LEU A 128 -18.11 -1.77 13.05
N LYS A 129 -17.83 -2.52 14.13
CA LYS A 129 -17.79 -1.93 15.46
C LYS A 129 -16.40 -1.33 15.66
N VAL A 130 -16.24 -0.50 16.69
CA VAL A 130 -14.97 0.17 16.95
C VAL A 130 -14.55 0.24 18.42
N TRP A 131 -13.24 0.18 18.63
CA TRP A 131 -12.64 0.34 19.94
C TRP A 131 -11.71 1.54 19.76
N VAL A 132 -11.88 2.59 20.55
CA VAL A 132 -10.96 3.71 20.48
C VAL A 132 -9.95 3.33 21.56
N ASP A 133 -8.69 3.20 21.17
CA ASP A 133 -7.64 2.77 22.08
C ASP A 133 -6.56 3.81 22.34
N LEU A 134 -6.52 4.33 23.57
CA LEU A 134 -5.49 5.31 23.94
C LEU A 134 -4.25 4.44 24.12
N HIS A 135 -3.41 4.44 23.07
CA HIS A 135 -2.22 3.61 22.97
C HIS A 135 -0.91 4.18 23.53
N GLY A 136 -0.92 5.47 23.88
CA GLY A 136 0.28 6.09 24.40
C GLY A 136 -0.02 7.17 25.43
N ALA A 137 0.70 7.13 26.54
CA ALA A 137 0.50 8.09 27.63
C ALA A 137 1.73 8.98 27.78
N ALA A 138 1.52 10.17 28.32
CA ALA A 138 2.63 11.11 28.54
C ALA A 138 3.71 10.43 29.38
N GLY A 139 4.94 10.45 28.88
CA GLY A 139 6.05 9.85 29.60
C GLY A 139 6.16 8.35 29.39
N SER A 140 5.20 7.81 28.64
CA SER A 140 5.13 6.38 28.32
C SER A 140 4.73 5.48 29.48
N GLN A 141 3.81 4.57 29.21
CA GLN A 141 3.31 3.63 30.18
C GLN A 141 4.04 2.29 30.13
N ASN A 142 4.96 2.13 29.17
CA ASN A 142 5.66 0.85 29.05
C ASN A 142 7.07 0.87 28.46
N GLY A 143 7.54 2.02 28.00
CA GLY A 143 8.87 2.08 27.43
C GLY A 143 9.00 1.35 26.11
N PHE A 144 7.87 0.98 25.49
CA PHE A 144 7.91 0.30 24.20
C PHE A 144 7.86 1.36 23.11
N ASP A 145 8.40 1.06 21.92
CA ASP A 145 8.35 2.05 20.86
C ASP A 145 6.89 2.29 20.46
N ASN A 146 6.03 1.31 20.69
CA ASN A 146 4.63 1.47 20.32
C ASN A 146 3.84 2.39 21.26
N SER A 147 4.51 2.96 22.26
CA SER A 147 3.83 3.88 23.17
C SER A 147 4.13 5.29 22.66
N GLY A 148 5.04 5.37 21.70
CA GLY A 148 5.44 6.65 21.16
C GLY A 148 6.82 7.04 21.65
N LEU A 149 7.13 6.65 22.89
CA LEU A 149 8.41 6.96 23.52
C LEU A 149 9.08 5.73 24.11
N ARG A 150 10.11 5.22 23.45
CA ARG A 150 10.80 4.03 23.92
C ARG A 150 11.70 4.35 25.13
N ASP A 151 11.86 3.36 26.00
CA ASP A 151 12.73 3.46 27.17
C ASP A 151 12.43 4.55 28.21
N SER A 152 11.16 4.86 28.37
CA SER A 152 10.73 5.85 29.37
C SER A 152 9.55 5.18 30.08
N TYR A 153 9.44 5.41 31.39
CA TYR A 153 8.35 4.79 32.16
C TYR A 153 7.77 5.75 33.18
N LYS A 154 7.52 6.99 32.75
CA LYS A 154 7.00 8.01 33.66
C LYS A 154 5.49 8.25 33.59
N PHE A 155 4.76 7.25 33.11
CA PHE A 155 3.30 7.31 33.00
C PHE A 155 2.60 7.83 34.26
N LEU A 156 2.89 7.20 35.40
CA LEU A 156 2.25 7.57 36.66
C LEU A 156 2.78 8.81 37.37
N GLU A 157 3.78 9.46 36.78
CA GLU A 157 4.32 10.69 37.37
C GLU A 157 3.19 11.72 37.32
N ASP A 158 2.79 12.22 38.49
CA ASP A 158 1.70 13.17 38.59
C ASP A 158 1.57 14.18 37.45
N SER A 159 2.68 14.79 37.08
CA SER A 159 2.68 15.79 36.01
C SER A 159 2.17 15.22 34.68
N ASN A 160 2.70 14.07 34.30
CA ASN A 160 2.30 13.42 33.07
C ASN A 160 0.89 12.86 33.15
N LEU A 161 0.62 12.11 34.21
CA LEU A 161 -0.68 11.50 34.43
C LEU A 161 -1.80 12.53 34.34
N ALA A 162 -1.51 13.76 34.75
CA ALA A 162 -2.51 14.82 34.71
C ALA A 162 -2.92 15.10 33.27
N VAL A 163 -1.94 15.08 32.37
CA VAL A 163 -2.20 15.33 30.95
C VAL A 163 -2.93 14.14 30.34
N THR A 164 -2.42 12.94 30.59
CA THR A 164 -3.04 11.75 30.03
C THR A 164 -4.48 11.63 30.50
N ILE A 165 -4.71 11.97 31.77
CA ILE A 165 -6.06 11.91 32.32
C ILE A 165 -6.99 12.90 31.62
N ASN A 166 -6.48 14.10 31.35
CA ASN A 166 -7.29 15.12 30.69
C ASN A 166 -7.66 14.66 29.28
N VAL A 167 -6.71 14.02 28.61
CA VAL A 167 -6.96 13.51 27.26
C VAL A 167 -7.96 12.37 27.31
N LEU A 168 -7.77 11.45 28.25
CA LEU A 168 -8.68 10.32 28.37
C LEU A 168 -10.10 10.81 28.62
N ASN A 169 -10.26 11.80 29.49
CA ASN A 169 -11.59 12.33 29.78
C ASN A 169 -12.21 12.95 28.53
N TYR A 170 -11.39 13.61 27.72
CA TYR A 170 -11.90 14.20 26.48
C TYR A 170 -12.43 13.06 25.59
N ILE A 171 -11.65 11.99 25.50
CA ILE A 171 -12.02 10.84 24.68
C ILE A 171 -13.29 10.18 25.24
N LEU A 172 -13.32 9.97 26.56
CA LEU A 172 -14.49 9.35 27.18
C LEU A 172 -15.74 10.17 26.94
N LYS A 173 -15.64 11.49 27.11
CA LYS A 173 -16.79 12.36 26.91
C LYS A 173 -17.29 12.36 25.47
N LYS A 174 -16.38 12.56 24.52
CA LYS A 174 -16.78 12.61 23.12
C LYS A 174 -17.28 11.29 22.53
N TYR A 175 -16.51 10.23 22.70
CA TYR A 175 -16.89 8.94 22.12
C TYR A 175 -17.83 8.07 22.93
N SER A 176 -18.43 8.65 23.98
CA SER A 176 -19.40 7.92 24.80
C SER A 176 -20.76 8.58 24.62
N ALA A 177 -20.82 9.59 23.75
CA ALA A 177 -22.06 10.30 23.48
C ALA A 177 -22.98 9.38 22.68
N GLU A 178 -24.28 9.63 22.78
CA GLU A 178 -25.28 8.82 22.10
C GLU A 178 -24.97 8.48 20.64
N GLU A 179 -24.49 9.47 19.89
CA GLU A 179 -24.21 9.27 18.47
C GLU A 179 -23.11 8.27 18.13
N TYR A 180 -22.32 7.88 19.13
CA TYR A 180 -21.22 6.94 18.91
C TYR A 180 -21.42 5.56 19.53
N LEU A 181 -22.36 5.47 20.47
CA LEU A 181 -22.60 4.22 21.18
C LEU A 181 -22.87 2.98 20.35
N ASP A 182 -23.53 3.14 19.21
CA ASP A 182 -23.84 1.99 18.36
C ASP A 182 -22.63 1.45 17.62
N ILE A 183 -21.69 2.31 17.26
CA ILE A 183 -20.50 1.90 16.54
C ILE A 183 -19.28 1.71 17.45
N VAL A 184 -19.00 2.69 18.30
CA VAL A 184 -17.88 2.59 19.23
C VAL A 184 -18.41 1.82 20.45
N ILE A 185 -17.96 0.59 20.64
CA ILE A 185 -18.44 -0.22 21.75
C ILE A 185 -17.36 -0.48 22.78
N GLY A 186 -16.33 0.38 22.78
CA GLY A 186 -15.25 0.23 23.73
C GLY A 186 -14.21 1.33 23.64
N ILE A 187 -13.78 1.79 24.81
CA ILE A 187 -12.74 2.82 24.90
C ILE A 187 -11.71 2.21 25.85
N GLU A 188 -10.50 1.96 25.34
CA GLU A 188 -9.45 1.36 26.15
C GLU A 188 -8.69 2.50 26.84
N LEU A 189 -8.73 2.47 28.18
CA LEU A 189 -8.10 3.51 28.99
C LEU A 189 -6.61 3.72 28.75
N ILE A 190 -5.87 2.64 28.55
CA ILE A 190 -4.45 2.74 28.25
C ILE A 190 -3.93 1.39 27.80
N ASN A 191 -3.25 1.38 26.66
CA ASN A 191 -2.70 0.15 26.12
C ASN A 191 -1.44 -0.33 26.80
N GLU A 192 -1.42 -1.63 27.10
CA GLU A 192 -0.27 -2.29 27.70
C GLU A 192 0.55 -1.53 28.75
N PRO A 193 -0.09 -1.08 29.83
CA PRO A 193 0.75 -0.39 30.81
C PRO A 193 1.62 -1.52 31.37
N LEU A 194 2.92 -1.26 31.55
CA LEU A 194 3.81 -2.31 32.04
C LEU A 194 3.66 -2.54 33.54
N GLY A 195 2.61 -3.27 33.90
CA GLY A 195 2.30 -3.56 35.30
C GLY A 195 3.45 -3.90 36.24
N PRO A 196 4.30 -4.87 35.90
CA PRO A 196 5.43 -5.30 36.73
C PRO A 196 6.39 -4.20 37.19
N VAL A 197 6.48 -3.10 36.45
CA VAL A 197 7.39 -2.02 36.82
C VAL A 197 6.68 -0.74 37.26
N LEU A 198 5.34 -0.79 37.28
CA LEU A 198 4.57 0.37 37.69
C LEU A 198 3.93 0.15 39.05
N ASP A 199 3.43 1.22 39.63
CA ASP A 199 2.76 1.13 40.92
C ASP A 199 1.30 0.82 40.61
N MET A 200 0.98 -0.47 40.60
CA MET A 200 -0.38 -0.91 40.29
C MET A 200 -1.46 -0.20 41.09
N ASP A 201 -1.21 0.05 42.38
CA ASP A 201 -2.22 0.72 43.19
C ASP A 201 -2.46 2.15 42.73
N LYS A 202 -1.41 2.85 42.33
CA LYS A 202 -1.58 4.22 41.86
C LYS A 202 -2.36 4.23 40.55
N MET A 203 -2.06 3.30 39.65
CA MET A 203 -2.78 3.26 38.38
C MET A 203 -4.27 3.02 38.61
N LYS A 204 -4.58 2.09 39.51
CA LYS A 204 -5.98 1.77 39.81
C LYS A 204 -6.73 2.97 40.41
N ASN A 205 -6.20 3.52 41.49
CA ASN A 205 -6.86 4.64 42.17
C ASN A 205 -6.73 6.01 41.52
N ASP A 206 -5.60 6.25 40.86
CA ASP A 206 -5.35 7.54 40.22
C ASP A 206 -5.62 7.62 38.73
N TYR A 207 -5.92 6.50 38.09
CA TYR A 207 -6.17 6.51 36.66
C TYR A 207 -7.42 5.74 36.23
N LEU A 208 -7.44 4.44 36.52
CA LEU A 208 -8.55 3.58 36.15
C LEU A 208 -9.86 3.88 36.88
N ALA A 209 -9.82 3.93 38.21
CA ALA A 209 -11.03 4.20 38.98
C ALA A 209 -11.63 5.57 38.65
N PRO A 210 -10.80 6.63 38.61
CA PRO A 210 -11.35 7.94 38.29
C PRO A 210 -12.03 7.98 36.92
N ALA A 211 -11.48 7.25 35.96
CA ALA A 211 -12.05 7.20 34.61
C ALA A 211 -13.47 6.63 34.65
N TYR A 212 -13.65 5.54 35.38
CA TYR A 212 -14.98 4.94 35.48
C TYR A 212 -15.96 5.92 36.11
N GLU A 213 -15.52 6.58 37.18
CA GLU A 213 -16.35 7.55 37.89
C GLU A 213 -16.80 8.66 36.94
N TYR A 214 -15.85 9.21 36.19
CA TYR A 214 -16.11 10.28 35.24
C TYR A 214 -17.11 9.87 34.17
N LEU A 215 -16.91 8.68 33.61
CA LEU A 215 -17.79 8.19 32.56
C LEU A 215 -19.21 7.90 33.00
N ARG A 216 -19.35 7.16 34.10
CA ARG A 216 -20.67 6.78 34.60
C ARG A 216 -21.41 7.81 35.43
N ASN A 217 -20.70 8.59 36.25
CA ASN A 217 -21.37 9.56 37.10
C ASN A 217 -21.31 11.01 36.64
N ASN A 218 -20.31 11.36 35.84
CA ASN A 218 -20.22 12.72 35.35
C ASN A 218 -20.85 12.76 33.96
N ILE A 219 -20.28 12.02 33.03
CA ILE A 219 -20.79 11.96 31.66
C ILE A 219 -22.14 11.23 31.64
N LYS A 220 -22.27 10.23 32.51
CA LYS A 220 -23.48 9.44 32.62
C LYS A 220 -23.82 8.69 31.33
N SER A 221 -22.83 7.95 30.82
CA SER A 221 -23.00 7.17 29.60
C SER A 221 -22.80 5.71 29.95
N ASP A 222 -23.36 4.81 29.14
CA ASP A 222 -23.22 3.38 29.38
C ASP A 222 -22.13 2.76 28.51
N GLN A 223 -21.24 3.60 27.98
CA GLN A 223 -20.15 3.11 27.14
C GLN A 223 -19.30 2.13 27.92
N VAL A 224 -18.79 1.11 27.24
CA VAL A 224 -17.96 0.10 27.88
C VAL A 224 -16.49 0.51 27.92
N ILE A 225 -15.86 0.34 29.07
CA ILE A 225 -14.44 0.67 29.19
C ILE A 225 -13.63 -0.61 29.07
N ILE A 226 -12.51 -0.50 28.37
CA ILE A 226 -11.60 -1.62 28.16
C ILE A 226 -10.35 -1.36 29.00
N ILE A 227 -10.02 -2.30 29.87
CA ILE A 227 -8.83 -2.17 30.70
C ILE A 227 -7.84 -3.25 30.30
N HIS A 228 -6.65 -2.85 29.82
CA HIS A 228 -5.64 -3.83 29.45
C HIS A 228 -5.19 -4.52 30.72
N ASP A 229 -4.87 -5.81 30.65
CA ASP A 229 -4.48 -6.54 31.84
C ASP A 229 -3.15 -6.18 32.49
N ALA A 230 -2.43 -5.23 31.91
CA ALA A 230 -1.15 -4.78 32.46
C ALA A 230 -0.13 -5.90 32.62
N PHE A 231 -0.31 -6.98 31.86
CA PHE A 231 0.58 -8.14 31.88
C PHE A 231 0.52 -8.94 33.18
N GLN A 232 -0.56 -8.78 33.93
CA GLN A 232 -0.75 -9.52 35.18
C GLN A 232 -1.32 -10.88 34.83
N PRO A 233 -1.16 -11.86 35.72
CA PRO A 233 -1.69 -13.20 35.44
C PRO A 233 -3.21 -13.24 35.45
N TYR A 234 -3.78 -14.31 34.89
CA TYR A 234 -5.23 -14.47 34.86
C TYR A 234 -5.84 -14.35 36.25
N ASN A 235 -7.05 -13.80 36.33
CA ASN A 235 -7.80 -13.61 37.57
C ASN A 235 -7.34 -12.43 38.42
N TYR A 236 -6.21 -11.82 38.06
CA TYR A 236 -5.70 -10.69 38.81
C TYR A 236 -6.73 -9.57 38.98
N TRP A 237 -7.49 -9.28 37.93
CA TRP A 237 -8.47 -8.21 37.99
C TRP A 237 -9.84 -8.61 38.52
N ASP A 238 -10.01 -9.87 38.90
CA ASP A 238 -11.30 -10.33 39.41
C ASP A 238 -11.83 -9.50 40.58
N ASP A 239 -10.93 -9.03 41.44
CA ASP A 239 -11.34 -8.24 42.61
C ASP A 239 -11.41 -6.74 42.38
N PHE A 240 -11.25 -6.31 41.13
CA PHE A 240 -11.28 -4.88 40.79
C PHE A 240 -12.57 -4.55 40.07
N MET A 241 -13.20 -3.43 40.42
CA MET A 241 -14.45 -3.01 39.80
C MET A 241 -15.38 -4.20 39.62
N THR A 242 -15.77 -4.81 40.73
CA THR A 242 -16.64 -5.98 40.70
C THR A 242 -18.10 -5.58 40.53
N GLU A 243 -18.91 -6.52 40.05
CA GLU A 243 -20.34 -6.26 39.88
C GLU A 243 -21.00 -6.09 41.25
N ASN A 244 -20.49 -6.81 42.25
CA ASN A 244 -21.02 -6.72 43.60
C ASN A 244 -20.94 -5.31 44.16
N ASP A 245 -19.96 -4.54 43.70
CA ASP A 245 -19.81 -3.17 44.15
C ASP A 245 -20.56 -2.22 43.23
N GLY A 246 -21.35 -2.80 42.33
CA GLY A 246 -22.15 -1.99 41.42
C GLY A 246 -21.49 -1.57 40.12
N TYR A 247 -20.31 -2.11 39.81
CA TYR A 247 -19.63 -1.75 38.58
C TYR A 247 -20.12 -2.61 37.44
N TRP A 248 -20.23 -2.02 36.24
CA TRP A 248 -20.65 -2.75 35.07
C TRP A 248 -20.07 -2.12 33.81
N GLY A 249 -20.08 -2.86 32.72
CA GLY A 249 -19.54 -2.34 31.47
C GLY A 249 -18.02 -2.23 31.49
N VAL A 250 -17.37 -3.22 32.09
CA VAL A 250 -15.91 -3.24 32.17
C VAL A 250 -15.37 -4.52 31.54
N THR A 251 -14.50 -4.36 30.55
CA THR A 251 -13.93 -5.52 29.86
C THR A 251 -12.41 -5.56 30.00
N ILE A 252 -11.87 -6.73 30.32
CA ILE A 252 -10.43 -6.87 30.46
C ILE A 252 -9.88 -7.28 29.11
N ASP A 253 -8.82 -6.62 28.68
CA ASP A 253 -8.18 -6.93 27.40
C ASP A 253 -6.89 -7.70 27.63
N HIS A 254 -6.87 -8.97 27.23
CA HIS A 254 -5.67 -9.80 27.36
C HIS A 254 -4.97 -9.86 26.01
N HIS A 255 -3.66 -9.63 25.99
CA HIS A 255 -2.89 -9.72 24.75
C HIS A 255 -2.17 -11.07 24.85
N HIS A 256 -2.01 -11.75 23.72
CA HIS A 256 -1.36 -13.05 23.74
C HIS A 256 -0.37 -13.26 22.60
N TYR A 257 0.87 -13.56 22.96
CA TYR A 257 1.92 -13.81 21.98
C TYR A 257 2.84 -14.90 22.55
N GLN A 258 3.61 -15.55 21.68
CA GLN A 258 4.53 -16.58 22.11
C GLN A 258 5.85 -16.41 21.38
N VAL A 259 6.25 -15.16 21.20
CA VAL A 259 7.47 -14.85 20.48
C VAL A 259 8.42 -13.85 21.16
N PHE A 260 8.01 -13.27 22.28
CA PHE A 260 8.86 -12.28 22.93
C PHE A 260 9.72 -12.77 24.08
N ALA A 261 10.02 -14.07 24.07
CA ALA A 261 10.86 -14.68 25.09
C ALA A 261 11.44 -15.95 24.49
N SER A 262 12.72 -16.19 24.73
CA SER A 262 13.39 -17.37 24.19
C SER A 262 12.73 -18.70 24.52
N ASP A 263 12.29 -18.87 25.77
CA ASP A 263 11.66 -20.12 26.16
C ASP A 263 10.36 -20.35 25.38
N GLN A 264 9.67 -19.26 25.05
CA GLN A 264 8.43 -19.36 24.29
C GLN A 264 8.73 -19.69 22.83
N LEU A 265 9.77 -19.07 22.28
CA LEU A 265 10.17 -19.32 20.91
C LEU A 265 10.67 -20.75 20.71
N GLU A 266 11.14 -21.36 21.81
CA GLU A 266 11.67 -22.71 21.78
C GLU A 266 10.59 -23.81 21.75
N ARG A 267 9.34 -23.42 21.94
CA ARG A 267 8.24 -24.38 21.96
C ARG A 267 8.01 -25.08 20.63
N SER A 268 7.61 -26.34 20.69
CA SER A 268 7.29 -27.09 19.49
C SER A 268 5.91 -26.59 19.08
N ILE A 269 5.46 -26.96 17.88
CA ILE A 269 4.14 -26.51 17.45
C ILE A 269 3.07 -27.03 18.40
N ASP A 270 3.22 -28.26 18.87
CA ASP A 270 2.24 -28.82 19.79
C ASP A 270 2.21 -28.08 21.12
N GLU A 271 3.37 -27.61 21.58
CA GLU A 271 3.40 -26.87 22.84
C GLU A 271 2.77 -25.50 22.62
N HIS A 272 3.07 -24.88 21.48
CA HIS A 272 2.50 -23.58 21.16
C HIS A 272 0.97 -23.67 21.16
N ILE A 273 0.45 -24.74 20.57
CA ILE A 273 -0.99 -24.95 20.50
C ILE A 273 -1.60 -25.19 21.87
N LYS A 274 -0.95 -26.01 22.69
CA LYS A 274 -1.47 -26.28 24.03
C LYS A 274 -1.57 -24.99 24.83
N VAL A 275 -0.56 -24.14 24.71
CA VAL A 275 -0.57 -22.87 25.42
C VAL A 275 -1.69 -21.96 24.90
N ALA A 276 -1.90 -21.96 23.59
CA ALA A 276 -2.95 -21.13 23.01
C ALA A 276 -4.33 -21.57 23.50
N CYS A 277 -4.59 -22.87 23.46
CA CYS A 277 -5.86 -23.39 23.91
C CYS A 277 -6.12 -23.07 25.38
N GLU A 278 -5.05 -23.09 26.19
CA GLU A 278 -5.20 -22.79 27.60
C GLU A 278 -5.46 -21.31 27.85
N TRP A 279 -5.05 -20.46 26.91
CA TRP A 279 -5.32 -19.04 27.04
C TRP A 279 -6.83 -18.87 27.06
N GLY A 280 -7.50 -19.72 26.28
CA GLY A 280 -8.95 -19.63 26.18
C GLY A 280 -9.71 -20.23 27.35
N THR A 281 -9.32 -21.41 27.78
CA THR A 281 -10.01 -22.06 28.89
C THR A 281 -9.77 -21.28 30.19
N GLY A 282 -8.59 -20.70 30.33
CA GLY A 282 -8.26 -19.95 31.53
C GLY A 282 -9.11 -18.73 31.85
N VAL A 283 -9.65 -18.06 30.83
CA VAL A 283 -10.45 -16.86 31.08
C VAL A 283 -11.91 -17.19 31.40
N LEU A 284 -12.31 -18.42 31.12
CA LEU A 284 -13.69 -18.83 31.37
C LEU A 284 -14.03 -18.67 32.85
N ASN A 285 -12.99 -18.76 33.67
CA ASN A 285 -13.11 -18.68 35.12
C ASN A 285 -12.94 -17.26 35.65
N GLU A 286 -12.70 -16.31 34.76
CA GLU A 286 -12.49 -14.92 35.16
C GLU A 286 -13.78 -14.18 35.52
N SER A 287 -13.64 -13.19 36.39
CA SER A 287 -14.77 -12.39 36.89
C SER A 287 -15.16 -11.14 36.12
N HIS A 288 -14.67 -11.01 34.89
CA HIS A 288 -15.01 -9.86 34.05
C HIS A 288 -15.13 -10.32 32.61
N TRP A 289 -15.85 -9.54 31.80
CA TRP A 289 -15.95 -9.84 30.38
C TRP A 289 -14.52 -9.77 29.92
N ILE A 290 -14.21 -10.42 28.80
CA ILE A 290 -12.85 -10.41 28.29
C ILE A 290 -12.82 -10.57 26.78
N VAL A 291 -11.84 -9.94 26.15
CA VAL A 291 -11.63 -10.02 24.71
C VAL A 291 -10.11 -10.03 24.50
N CYS A 292 -9.62 -10.88 23.60
CA CYS A 292 -8.20 -10.89 23.32
C CYS A 292 -7.98 -9.75 22.32
N GLY A 293 -7.52 -8.61 22.82
CA GLY A 293 -7.31 -7.43 21.99
C GLY A 293 -6.15 -7.49 21.02
N GLU A 294 -5.24 -8.44 21.23
CA GLU A 294 -4.10 -8.60 20.33
C GLU A 294 -3.55 -10.02 20.39
N PHE A 295 -3.23 -10.56 19.22
CA PHE A 295 -2.59 -11.86 19.07
C PHE A 295 -2.10 -11.84 17.64
N ALA A 296 -1.24 -12.79 17.29
CA ALA A 296 -0.74 -12.82 15.93
C ALA A 296 -0.49 -14.26 15.49
N ALA A 297 -0.24 -14.43 14.20
CA ALA A 297 0.05 -15.74 13.63
C ALA A 297 1.53 -16.04 13.84
N ALA A 298 2.28 -15.01 14.23
CA ALA A 298 3.73 -15.15 14.41
C ALA A 298 4.20 -16.23 15.38
N LEU A 299 5.18 -17.01 14.93
CA LEU A 299 5.76 -18.06 15.74
C LEU A 299 7.25 -17.77 15.93
N THR A 300 7.71 -16.64 15.38
CA THR A 300 9.10 -16.20 15.55
C THR A 300 9.05 -14.69 15.75
N ASP A 301 10.17 -14.10 16.16
CA ASP A 301 10.25 -12.66 16.35
C ASP A 301 11.26 -12.15 15.33
N CYS A 302 11.27 -12.82 14.18
CA CYS A 302 12.19 -12.51 13.08
C CYS A 302 11.92 -11.25 12.28
N ILE A 303 10.67 -10.84 12.19
CA ILE A 303 10.33 -9.66 11.40
C ILE A 303 11.16 -8.43 11.73
N LYS A 304 11.71 -7.82 10.68
CA LYS A 304 12.56 -6.64 10.82
C LYS A 304 12.04 -5.59 11.79
N TRP A 305 12.88 -5.24 12.76
CA TRP A 305 12.56 -4.23 13.77
C TRP A 305 11.39 -4.52 14.70
N LEU A 306 10.94 -5.77 14.74
CA LEU A 306 9.84 -6.14 15.63
C LEU A 306 10.25 -5.84 17.06
N ASN A 307 11.54 -6.03 17.36
CA ASN A 307 12.06 -5.78 18.69
C ASN A 307 12.60 -4.35 18.85
N SER A 308 12.18 -3.48 17.92
CA SER A 308 12.51 -2.06 17.83
C SER A 308 13.79 -1.79 17.04
N VAL A 309 13.90 -0.57 16.52
CA VAL A 309 15.06 -0.18 15.71
C VAL A 309 16.38 -0.40 16.43
N GLY A 310 17.28 -1.11 15.78
CA GLY A 310 18.59 -1.38 16.38
C GLY A 310 18.73 -2.75 17.02
N PHE A 311 17.63 -3.51 17.12
CA PHE A 311 17.69 -4.82 17.74
C PHE A 311 17.40 -5.97 16.79
N GLY A 312 18.03 -7.11 17.04
CA GLY A 312 17.83 -8.28 16.21
C GLY A 312 16.69 -9.15 16.71
N ALA A 313 16.77 -10.45 16.41
CA ALA A 313 15.75 -11.40 16.81
C ALA A 313 16.26 -12.51 17.72
N ARG A 314 15.47 -12.86 18.73
CA ARG A 314 15.84 -13.92 19.66
C ARG A 314 15.81 -15.26 18.95
N TYR A 315 14.89 -15.42 17.99
CA TYR A 315 14.76 -16.68 17.27
C TYR A 315 16.05 -17.19 16.65
N ASP A 316 16.81 -16.31 15.98
CA ASP A 316 18.07 -16.74 15.36
C ASP A 316 19.26 -16.29 16.20
N GLY A 317 19.00 -16.01 17.48
CA GLY A 317 20.06 -15.58 18.38
C GLY A 317 20.82 -14.33 17.99
N SER A 318 20.14 -13.38 17.37
CA SER A 318 20.80 -12.14 16.97
C SER A 318 20.35 -10.98 17.86
N TRP A 319 19.53 -11.28 18.85
CA TRP A 319 19.03 -10.26 19.77
C TRP A 319 19.90 -10.11 21.02
N VAL A 320 20.23 -8.86 21.35
CA VAL A 320 21.04 -8.56 22.53
C VAL A 320 20.63 -7.19 23.05
N ASN A 321 20.39 -7.09 24.36
CA ASN A 321 20.03 -5.82 24.97
C ASN A 321 20.76 -5.68 26.30
N GLY A 322 21.74 -4.78 26.33
CA GLY A 322 22.51 -4.59 27.54
C GLY A 322 23.27 -5.87 27.81
N ASP A 323 23.10 -6.44 28.99
CA ASP A 323 23.80 -7.68 29.33
C ASP A 323 22.92 -8.90 29.09
N GLN A 324 21.76 -8.69 28.49
CA GLN A 324 20.83 -9.78 28.19
C GLN A 324 21.05 -10.22 26.75
N THR A 325 21.05 -11.53 26.54
CA THR A 325 21.28 -12.07 25.20
C THR A 325 20.19 -13.04 24.77
N SER A 326 20.45 -13.72 23.66
CA SER A 326 19.54 -14.71 23.10
C SER A 326 20.41 -15.80 22.50
N SER A 327 19.81 -16.94 22.17
CA SER A 327 20.56 -18.04 21.58
C SER A 327 19.87 -18.58 20.34
N TYR A 328 20.67 -19.09 19.41
CA TYR A 328 20.15 -19.63 18.15
C TYR A 328 19.10 -20.73 18.31
N ILE A 329 17.98 -20.56 17.61
CA ILE A 329 16.90 -21.54 17.63
C ILE A 329 16.62 -21.98 16.21
N GLY A 330 16.46 -21.01 15.31
CA GLY A 330 16.19 -21.31 13.91
C GLY A 330 16.56 -20.11 13.05
N SER A 331 16.52 -20.27 11.74
CA SER A 331 16.88 -19.17 10.86
C SER A 331 15.77 -18.14 10.67
N CYS A 332 16.18 -16.90 10.42
CA CYS A 332 15.25 -15.81 10.19
C CYS A 332 15.37 -15.39 8.73
N ALA A 333 16.16 -16.13 7.96
CA ALA A 333 16.38 -15.82 6.55
C ALA A 333 15.07 -15.85 5.76
N ASN A 334 14.85 -14.79 4.98
CA ASN A 334 13.65 -14.65 4.16
C ASN A 334 12.39 -14.97 4.95
N ASN A 335 12.41 -14.62 6.24
CA ASN A 335 11.29 -14.90 7.14
C ASN A 335 9.90 -14.55 6.62
N ASP A 336 9.75 -13.35 6.07
CA ASP A 336 8.44 -12.91 5.62
C ASP A 336 8.18 -13.05 4.13
N ASP A 337 8.88 -13.97 3.48
CA ASP A 337 8.70 -14.23 2.05
C ASP A 337 8.11 -15.63 1.91
N ILE A 338 6.82 -15.70 1.55
CA ILE A 338 6.14 -16.98 1.41
C ILE A 338 6.85 -17.98 0.50
N ALA A 339 7.61 -17.47 -0.48
CA ALA A 339 8.31 -18.35 -1.39
C ALA A 339 9.31 -19.24 -0.67
N TYR A 340 9.77 -18.81 0.50
CA TYR A 340 10.74 -19.57 1.28
C TYR A 340 10.14 -20.31 2.47
N TRP A 341 8.81 -20.41 2.50
CA TRP A 341 8.12 -21.12 3.58
C TRP A 341 7.92 -22.59 3.19
N SER A 342 8.36 -23.49 4.05
CA SER A 342 8.20 -24.91 3.78
C SER A 342 6.75 -25.28 4.06
N ASP A 343 6.32 -26.44 3.54
CA ASP A 343 4.94 -26.88 3.76
C ASP A 343 4.70 -27.04 5.26
N GLU A 344 5.71 -27.51 5.98
CA GLU A 344 5.61 -27.68 7.43
C GLU A 344 5.32 -26.36 8.11
N ARG A 345 6.07 -25.33 7.76
CA ARG A 345 5.87 -24.03 8.38
C ARG A 345 4.47 -23.48 8.10
N LYS A 346 3.98 -23.69 6.88
CA LYS A 346 2.65 -23.21 6.50
C LYS A 346 1.60 -23.93 7.34
N GLU A 347 1.75 -25.24 7.45
CA GLU A 347 0.80 -26.04 8.22
C GLU A 347 0.81 -25.60 9.68
N ASN A 348 2.00 -25.46 10.25
CA ASN A 348 2.12 -25.07 11.63
C ASN A 348 1.48 -23.71 11.93
N THR A 349 1.65 -22.75 11.02
CA THR A 349 1.07 -21.43 11.24
C THR A 349 -0.45 -21.50 11.14
N ARG A 350 -0.95 -22.24 10.15
CA ARG A 350 -2.41 -22.38 9.99
C ARG A 350 -3.00 -23.05 11.23
N ARG A 351 -2.33 -24.09 11.73
CA ARG A 351 -2.81 -24.76 12.94
C ARG A 351 -2.80 -23.80 14.11
N TYR A 352 -1.69 -23.08 14.28
CA TYR A 352 -1.55 -22.13 15.38
C TYR A 352 -2.66 -21.08 15.35
N VAL A 353 -2.94 -20.56 14.16
CA VAL A 353 -3.99 -19.56 13.99
C VAL A 353 -5.36 -20.14 14.39
N GLU A 354 -5.69 -21.31 13.89
CA GLU A 354 -6.97 -21.93 14.20
C GLU A 354 -7.15 -22.22 15.68
N ALA A 355 -6.10 -22.69 16.33
CA ALA A 355 -6.18 -22.97 17.77
C ALA A 355 -6.47 -21.67 18.53
N GLN A 356 -5.78 -20.61 18.16
CA GLN A 356 -5.98 -19.32 18.83
C GLN A 356 -7.40 -18.82 18.62
N LEU A 357 -7.88 -18.85 17.38
CA LEU A 357 -9.23 -18.40 17.11
C LEU A 357 -10.23 -19.20 17.94
N ASP A 358 -10.11 -20.52 17.94
CA ASP A 358 -11.04 -21.35 18.70
C ASP A 358 -11.00 -21.00 20.17
N ALA A 359 -9.79 -20.83 20.69
CA ALA A 359 -9.62 -20.51 22.10
C ALA A 359 -10.24 -19.17 22.46
N PHE A 360 -9.89 -18.11 21.72
CA PHE A 360 -10.41 -16.79 22.03
C PHE A 360 -11.92 -16.69 21.82
N GLU A 361 -12.47 -17.52 20.95
CA GLU A 361 -13.91 -17.46 20.72
C GLU A 361 -14.71 -18.20 21.80
N MET A 362 -14.01 -18.84 22.74
CA MET A 362 -14.68 -19.52 23.83
C MET A 362 -15.37 -18.46 24.69
N ARG A 363 -14.81 -17.26 24.71
CA ARG A 363 -15.38 -16.14 25.46
C ARG A 363 -14.92 -14.77 24.96
N GLY A 364 -15.87 -13.95 24.53
CA GLY A 364 -15.55 -12.61 24.08
C GLY A 364 -15.12 -12.40 22.64
N GLY A 365 -14.07 -13.11 22.24
CA GLY A 365 -13.60 -12.96 20.88
C GLY A 365 -12.14 -12.53 20.79
N TRP A 366 -11.75 -12.07 19.61
CA TRP A 366 -10.38 -11.69 19.35
C TRP A 366 -10.24 -10.53 18.35
N ILE A 367 -9.04 -9.95 18.32
CA ILE A 367 -8.69 -8.86 17.41
C ILE A 367 -7.25 -9.14 16.99
N ILE A 368 -7.03 -9.49 15.73
CA ILE A 368 -5.68 -9.81 15.29
C ILE A 368 -4.82 -8.58 15.21
N TRP A 369 -3.58 -8.69 15.69
CA TRP A 369 -2.75 -7.51 15.62
C TRP A 369 -2.19 -7.34 14.26
N CYS A 370 -2.73 -6.31 13.63
CA CYS A 370 -2.32 -5.86 12.35
C CYS A 370 -3.01 -6.32 11.11
N TYR A 371 -3.85 -5.44 10.60
CA TYR A 371 -4.54 -5.77 9.36
C TYR A 371 -3.54 -5.68 8.21
N LYS A 372 -2.65 -4.70 8.26
CA LYS A 372 -1.67 -4.51 7.19
C LYS A 372 -0.33 -3.93 7.64
N THR A 373 0.72 -4.34 6.93
CA THR A 373 2.09 -3.88 7.19
C THR A 373 2.76 -3.67 5.84
N GLU A 374 3.88 -2.96 5.82
CA GLU A 374 4.54 -2.74 4.54
C GLU A 374 5.12 -4.01 3.95
N SER A 375 5.73 -4.85 4.78
CA SER A 375 6.39 -6.03 4.25
C SER A 375 6.36 -7.29 5.09
N SER A 376 5.60 -7.28 6.18
CA SER A 376 5.53 -8.46 7.03
C SER A 376 4.47 -9.44 6.57
N LEU A 377 4.67 -10.70 6.92
CA LEU A 377 3.72 -11.75 6.60
C LEU A 377 3.11 -12.24 7.92
N GLU A 378 3.98 -12.53 8.89
CA GLU A 378 3.52 -13.04 10.18
C GLU A 378 2.61 -12.10 10.96
N TRP A 379 2.75 -10.79 10.71
CA TRP A 379 1.99 -9.79 11.44
C TRP A 379 1.00 -9.04 10.56
N ASP A 380 0.69 -9.64 9.41
CA ASP A 380 -0.15 -9.01 8.41
C ASP A 380 -1.37 -9.88 8.07
N ALA A 381 -2.54 -9.51 8.58
CA ALA A 381 -3.75 -10.26 8.31
C ALA A 381 -4.03 -10.41 6.81
N GLN A 382 -3.87 -9.33 6.05
CA GLN A 382 -4.13 -9.40 4.61
C GLN A 382 -3.25 -10.45 3.93
N ARG A 383 -1.96 -10.41 4.20
CA ARG A 383 -1.05 -11.39 3.57
C ARG A 383 -1.30 -12.81 4.09
N LEU A 384 -1.65 -12.94 5.37
CA LEU A 384 -1.93 -14.27 5.91
C LEU A 384 -3.13 -14.86 5.20
N MET A 385 -4.18 -14.06 5.01
CA MET A 385 -5.37 -14.55 4.32
C MET A 385 -5.06 -14.91 2.87
N PHE A 386 -4.34 -14.04 2.17
CA PHE A 386 -4.02 -14.32 0.76
C PHE A 386 -3.27 -15.63 0.59
N ASN A 387 -2.39 -15.95 1.53
CA ASN A 387 -1.61 -17.18 1.45
C ASN A 387 -2.25 -18.38 2.15
N GLY A 388 -3.52 -18.23 2.51
CA GLY A 388 -4.25 -19.33 3.13
C GLY A 388 -3.85 -19.68 4.55
N LEU A 389 -3.14 -18.78 5.20
CA LEU A 389 -2.67 -19.01 6.57
C LEU A 389 -3.66 -18.51 7.63
N PHE A 390 -4.62 -17.69 7.21
CA PHE A 390 -5.65 -17.17 8.10
C PHE A 390 -6.98 -17.50 7.41
N PRO A 391 -7.92 -18.12 8.16
CA PRO A 391 -9.24 -18.52 7.66
C PRO A 391 -10.10 -17.53 6.90
N GLN A 392 -10.63 -18.00 5.78
CA GLN A 392 -11.56 -17.25 4.94
C GLN A 392 -12.52 -18.29 4.35
N PRO A 393 -13.80 -18.28 4.77
CA PRO A 393 -14.38 -17.37 5.75
C PRO A 393 -13.72 -17.59 7.12
N LEU A 394 -14.01 -16.71 8.07
CA LEU A 394 -13.38 -16.79 9.39
C LEU A 394 -13.66 -18.07 10.17
N THR A 395 -14.71 -18.80 9.79
CA THR A 395 -15.04 -20.05 10.47
C THR A 395 -14.44 -21.27 9.78
N ASP A 396 -13.73 -21.05 8.68
CA ASP A 396 -13.11 -22.14 7.93
C ASP A 396 -12.03 -22.83 8.78
N ARG A 397 -12.04 -24.16 8.80
CA ARG A 397 -11.05 -24.91 9.59
C ARG A 397 -10.46 -26.11 8.87
N LYS A 398 -9.13 -26.09 8.69
CA LYS A 398 -8.44 -27.21 8.06
C LYS A 398 -8.08 -28.22 9.15
N TYR A 399 -8.03 -27.72 10.39
CA TYR A 399 -7.66 -28.52 11.55
C TYR A 399 -8.68 -28.24 12.66
N PRO A 400 -9.92 -28.71 12.48
CA PRO A 400 -10.98 -28.48 13.46
C PRO A 400 -10.75 -29.08 14.84
N ASN A 401 -11.32 -28.41 15.85
CA ASN A 401 -11.31 -28.86 17.23
C ASN A 401 -9.97 -29.30 17.83
N GLN A 402 -8.89 -28.59 17.51
CA GLN A 402 -7.58 -28.94 18.06
C GLN A 402 -7.58 -28.80 19.58
N CYS A 403 -8.33 -27.83 20.09
CA CYS A 403 -8.38 -27.62 21.53
C CYS A 403 -9.20 -28.67 22.26
N GLY A 404 -9.96 -29.46 21.49
CA GLY A 404 -10.77 -30.50 22.09
C GLY A 404 -10.09 -31.85 21.98
N THR A 405 -8.89 -31.86 21.40
CA THR A 405 -8.12 -33.08 21.24
C THR A 405 -6.65 -32.87 21.59
N ILE A 406 -6.38 -32.73 22.89
CA ILE A 406 -5.01 -32.53 23.37
C ILE A 406 -4.74 -33.44 24.56
N SER A 407 -3.58 -34.10 24.55
CA SER A 407 -3.20 -34.99 25.63
C SER A 407 -1.71 -35.31 25.60
N ASN A 408 -1.22 -35.74 24.44
CA ASN A 408 0.18 -36.08 24.26
C ASN A 408 1.07 -34.84 24.32
N TYR B 1 2.83 -15.72 -30.36
CA TYR B 1 1.99 -14.94 -31.31
C TYR B 1 0.61 -14.63 -30.70
N TYR B 2 0.04 -13.51 -31.12
CA TYR B 2 -1.29 -13.09 -30.68
C TYR B 2 -1.87 -12.22 -31.78
N ASP B 3 -3.12 -12.48 -32.16
CA ASP B 3 -3.77 -11.72 -33.22
C ASP B 3 -4.61 -10.61 -32.59
N TYR B 4 -4.08 -9.38 -32.61
CA TYR B 4 -4.77 -8.27 -31.99
C TYR B 4 -6.10 -7.80 -32.60
N ASP B 5 -6.40 -8.22 -33.83
CA ASP B 5 -7.67 -7.84 -34.44
C ASP B 5 -8.70 -8.96 -34.25
N HIS B 6 -8.21 -10.15 -33.92
CA HIS B 6 -9.07 -11.31 -33.68
C HIS B 6 -8.40 -12.14 -32.59
N GLY B 7 -8.25 -11.54 -31.41
CA GLY B 7 -7.60 -12.19 -30.28
C GLY B 7 -8.21 -13.43 -29.66
N SER B 8 -7.34 -14.34 -29.23
CA SER B 8 -7.78 -15.58 -28.61
C SER B 8 -8.50 -15.31 -27.28
N LEU B 9 -8.35 -14.11 -26.75
CA LEU B 9 -9.02 -13.76 -25.50
C LEU B 9 -10.52 -13.64 -25.75
N GLY B 10 -10.89 -13.47 -27.02
CA GLY B 10 -12.29 -13.36 -27.39
C GLY B 10 -12.91 -12.04 -26.98
N GLU B 11 -12.04 -11.06 -26.71
CA GLU B 11 -12.46 -9.72 -26.30
C GLU B 11 -11.27 -8.82 -26.50
N PRO B 12 -11.48 -7.49 -26.51
CA PRO B 12 -10.32 -6.63 -26.70
C PRO B 12 -9.43 -6.62 -25.47
N ILE B 13 -8.24 -6.08 -25.63
CA ILE B 13 -7.32 -5.99 -24.52
C ILE B 13 -7.96 -5.02 -23.52
N ARG B 14 -7.96 -5.42 -22.25
CA ARG B 14 -8.51 -4.61 -21.17
C ARG B 14 -7.46 -4.76 -20.07
N GLY B 15 -6.42 -3.95 -20.14
CA GLY B 15 -5.35 -4.10 -19.17
C GLY B 15 -5.05 -2.93 -18.27
N VAL B 16 -4.05 -3.13 -17.42
CA VAL B 16 -3.60 -2.10 -16.51
C VAL B 16 -2.09 -2.01 -16.56
N ASN B 17 -1.59 -0.80 -16.35
CA ASN B 17 -0.15 -0.56 -16.35
C ASN B 17 0.41 -0.73 -14.93
N ILE B 18 1.49 -1.48 -14.84
CA ILE B 18 2.15 -1.71 -13.55
C ILE B 18 3.16 -0.57 -13.48
N GLY B 19 2.65 0.65 -13.32
CA GLY B 19 3.50 1.82 -13.29
C GLY B 19 4.25 2.14 -12.01
N GLY B 20 5.41 2.76 -12.16
CA GLY B 20 6.23 3.17 -11.04
C GLY B 20 6.83 2.05 -10.22
N TRP B 21 6.81 0.84 -10.75
CA TRP B 21 7.36 -0.31 -10.03
C TRP B 21 8.83 -0.51 -10.36
N LEU B 22 9.13 -1.05 -11.53
CA LEU B 22 10.53 -1.30 -11.92
C LEU B 22 11.21 -0.05 -12.49
N LEU B 23 10.46 1.04 -12.57
CA LEU B 23 10.97 2.31 -13.05
C LEU B 23 10.22 3.37 -12.25
N LEU B 24 10.94 4.06 -11.37
CA LEU B 24 10.35 5.08 -10.51
C LEU B 24 9.79 6.32 -11.18
N GLU B 25 8.64 6.78 -10.69
CA GLU B 25 8.00 7.99 -11.18
C GLU B 25 7.52 8.70 -9.92
N PRO B 26 8.10 9.88 -9.63
CA PRO B 26 7.73 10.66 -8.43
C PRO B 26 6.25 10.79 -8.11
N TYR B 27 5.41 11.09 -9.10
CA TYR B 27 4.00 11.26 -8.79
C TYR B 27 3.29 9.98 -8.38
N ILE B 28 3.85 8.82 -8.76
CA ILE B 28 3.24 7.54 -8.40
C ILE B 28 3.66 7.10 -6.99
N THR B 29 4.93 7.29 -6.65
CA THR B 29 5.41 6.95 -5.31
C THR B 29 6.16 8.15 -4.75
N PRO B 30 5.42 9.25 -4.48
CA PRO B 30 6.08 10.46 -3.95
C PRO B 30 6.88 10.27 -2.67
N SER B 31 6.46 9.35 -1.81
CA SER B 31 7.16 9.11 -0.54
C SER B 31 8.65 8.81 -0.72
N LEU B 32 9.00 8.07 -1.77
CA LEU B 32 10.40 7.75 -2.02
C LEU B 32 11.22 9.00 -2.28
N PHE B 33 10.59 10.01 -2.88
CA PHE B 33 11.28 11.26 -3.18
C PHE B 33 11.14 12.29 -2.07
N GLU B 34 10.01 12.26 -1.35
CA GLU B 34 9.81 13.20 -0.25
C GLU B 34 10.87 12.93 0.82
N ALA B 35 11.46 11.75 0.77
CA ALA B 35 12.50 11.39 1.74
C ALA B 35 13.68 12.34 1.64
N PHE B 36 13.79 13.06 0.53
CA PHE B 36 14.89 13.98 0.30
C PHE B 36 14.58 15.45 0.58
N ARG B 37 13.34 15.76 0.95
CA ARG B 37 12.96 17.15 1.19
C ARG B 37 13.91 17.84 2.16
N THR B 38 14.28 19.08 1.83
CA THR B 38 15.20 19.86 2.65
C THR B 38 14.49 21.02 3.36
N ASN B 39 13.39 21.48 2.79
CA ASN B 39 12.64 22.58 3.39
C ASN B 39 11.16 22.48 3.07
N ASP B 40 10.36 23.27 3.79
CA ASP B 40 8.91 23.28 3.64
C ASP B 40 8.39 24.23 2.56
N ASP B 41 9.27 25.04 1.97
CA ASP B 41 8.86 26.01 0.97
C ASP B 41 8.90 25.56 -0.49
N ASN B 42 9.91 24.78 -0.86
CA ASN B 42 10.03 24.31 -2.24
C ASN B 42 10.64 22.91 -2.31
N ASP B 43 10.75 22.38 -3.52
CA ASP B 43 11.28 21.03 -3.72
C ASP B 43 12.80 20.94 -3.89
N GLU B 44 13.53 21.94 -3.42
CA GLU B 44 14.99 21.96 -3.55
C GLU B 44 15.64 20.73 -2.90
N GLY B 45 16.57 20.10 -3.63
CA GLY B 45 17.27 18.93 -3.10
C GLY B 45 16.62 17.58 -3.38
N ILE B 46 15.38 17.59 -3.85
CA ILE B 46 14.68 16.35 -4.15
C ILE B 46 15.03 15.86 -5.57
N PRO B 47 15.50 14.60 -5.70
CA PRO B 47 15.87 14.03 -7.00
C PRO B 47 14.67 14.10 -7.94
N VAL B 48 14.92 14.35 -9.23
CA VAL B 48 13.81 14.45 -10.17
C VAL B 48 13.50 13.17 -10.96
N ASP B 49 14.33 12.15 -10.81
CA ASP B 49 14.11 10.88 -11.52
C ASP B 49 14.88 9.74 -10.84
N GLU B 50 14.74 8.52 -11.35
CA GLU B 50 15.43 7.40 -10.74
C GLU B 50 16.93 7.53 -10.90
N TYR B 51 17.35 8.14 -12.00
CA TYR B 51 18.77 8.35 -12.26
C TYR B 51 19.40 9.08 -11.08
N HIS B 52 18.80 10.22 -10.70
CA HIS B 52 19.32 11.01 -9.59
C HIS B 52 18.98 10.45 -8.21
N PHE B 53 17.94 9.62 -8.14
CA PHE B 53 17.56 8.99 -6.88
C PHE B 53 18.75 8.12 -6.50
N CYS B 54 19.25 7.36 -7.47
CA CYS B 54 20.39 6.48 -7.24
C CYS B 54 21.68 7.26 -7.03
N GLN B 55 21.86 8.33 -7.79
CA GLN B 55 23.07 9.15 -7.67
C GLN B 55 23.18 9.81 -6.30
N TYR B 56 22.11 10.43 -5.84
CA TYR B 56 22.10 11.11 -4.54
C TYR B 56 22.40 10.16 -3.37
N LEU B 57 21.77 8.99 -3.39
CA LEU B 57 21.94 8.00 -2.34
C LEU B 57 23.23 7.21 -2.40
N GLY B 58 23.67 6.88 -3.61
CA GLY B 58 24.86 6.07 -3.76
C GLY B 58 24.36 4.66 -3.97
N LYS B 59 25.19 3.82 -4.59
CA LYS B 59 24.84 2.43 -4.89
C LYS B 59 24.23 1.60 -3.76
N ASP B 60 24.91 1.54 -2.63
CA ASP B 60 24.43 0.75 -1.50
C ASP B 60 23.06 1.15 -0.98
N LEU B 61 22.90 2.41 -0.62
CA LEU B 61 21.62 2.90 -0.11
C LEU B 61 20.50 2.80 -1.16
N ALA B 62 20.85 3.10 -2.40
CA ALA B 62 19.87 3.04 -3.48
C ALA B 62 19.35 1.62 -3.64
N LYS B 63 20.27 0.65 -3.57
CA LYS B 63 19.92 -0.75 -3.70
C LYS B 63 18.96 -1.23 -2.62
N SER B 64 19.30 -0.97 -1.36
CA SER B 64 18.44 -1.42 -0.27
C SER B 64 17.07 -0.74 -0.31
N ARG B 65 17.02 0.55 -0.63
CA ARG B 65 15.74 1.24 -0.70
C ARG B 65 14.91 0.75 -1.89
N LEU B 66 15.56 0.49 -3.02
CA LEU B 66 14.83 0.00 -4.18
C LEU B 66 14.31 -1.42 -3.94
N GLN B 67 15.11 -2.25 -3.29
CA GLN B 67 14.67 -3.62 -3.01
C GLN B 67 13.44 -3.61 -2.11
N SER B 68 13.40 -2.70 -1.15
CA SER B 68 12.25 -2.61 -0.26
C SER B 68 11.03 -2.21 -1.06
N HIS B 69 11.25 -1.36 -2.07
CA HIS B 69 10.17 -0.90 -2.94
C HIS B 69 9.72 -2.00 -3.91
N TRP B 70 10.67 -2.62 -4.59
CA TRP B 70 10.32 -3.67 -5.55
C TRP B 70 9.62 -4.86 -4.92
N SER B 71 10.04 -5.21 -3.72
CA SER B 71 9.48 -6.36 -3.03
C SER B 71 8.10 -6.14 -2.41
N THR B 72 7.65 -4.89 -2.37
CA THR B 72 6.36 -4.59 -1.77
C THR B 72 5.36 -3.78 -2.59
N PHE B 73 5.83 -2.86 -3.44
CA PHE B 73 4.87 -2.04 -4.18
C PHE B 73 3.88 -2.91 -4.96
N TYR B 74 4.38 -3.96 -5.59
CA TYR B 74 3.52 -4.91 -6.28
C TYR B 74 3.88 -6.31 -5.81
N GLN B 75 2.86 -7.14 -5.58
CA GLN B 75 3.05 -8.52 -5.15
C GLN B 75 1.98 -9.34 -5.86
N GLU B 76 2.06 -10.66 -5.77
CA GLU B 76 1.08 -11.49 -6.45
C GLU B 76 -0.35 -11.11 -6.11
N GLN B 77 -0.58 -10.67 -4.87
CA GLN B 77 -1.89 -10.24 -4.42
C GLN B 77 -2.51 -9.23 -5.39
N ASP B 78 -1.70 -8.29 -5.86
CA ASP B 78 -2.18 -7.27 -6.78
C ASP B 78 -2.66 -7.88 -8.08
N PHE B 79 -1.94 -8.88 -8.58
CA PHE B 79 -2.31 -9.53 -9.82
C PHE B 79 -3.59 -10.35 -9.64
N ALA B 80 -3.78 -10.91 -8.44
CA ALA B 80 -5.00 -11.66 -8.19
C ALA B 80 -6.16 -10.67 -8.21
N ASN B 81 -5.95 -9.49 -7.62
CA ASN B 81 -6.97 -8.46 -7.59
C ASN B 81 -7.31 -7.98 -8.99
N ILE B 82 -6.28 -7.75 -9.80
CA ILE B 82 -6.46 -7.31 -11.18
C ILE B 82 -7.34 -8.31 -11.94
N ALA B 83 -7.03 -9.59 -11.82
CA ALA B 83 -7.82 -10.61 -12.49
C ALA B 83 -9.27 -10.63 -12.02
N SER B 84 -9.47 -10.45 -10.72
CA SER B 84 -10.81 -10.45 -10.15
C SER B 84 -11.67 -9.28 -10.62
N GLN B 85 -11.05 -8.27 -11.20
CA GLN B 85 -11.79 -7.10 -11.66
C GLN B 85 -12.07 -7.11 -13.15
N GLY B 86 -11.79 -8.24 -13.80
CA GLY B 86 -12.07 -8.37 -15.23
C GLY B 86 -10.98 -8.03 -16.21
N PHE B 87 -9.88 -7.44 -15.74
CA PHE B 87 -8.79 -7.08 -16.64
C PHE B 87 -8.15 -8.36 -17.18
N ASN B 88 -7.62 -8.29 -18.40
CA ASN B 88 -7.02 -9.47 -18.99
C ASN B 88 -5.55 -9.33 -19.31
N LEU B 89 -4.97 -8.17 -19.00
CA LEU B 89 -3.57 -7.97 -19.33
C LEU B 89 -2.88 -6.95 -18.43
N VAL B 90 -1.57 -7.10 -18.27
CA VAL B 90 -0.75 -6.17 -17.49
C VAL B 90 0.42 -5.73 -18.36
N ARG B 91 0.69 -4.43 -18.37
CA ARG B 91 1.80 -3.86 -19.14
C ARG B 91 2.85 -3.50 -18.09
N ILE B 92 4.05 -4.07 -18.26
CA ILE B 92 5.11 -3.85 -17.29
C ILE B 92 6.34 -3.09 -17.76
N PRO B 93 6.46 -1.83 -17.34
CA PRO B 93 7.61 -1.00 -17.73
C PRO B 93 8.89 -1.46 -17.03
N ILE B 94 10.01 -1.39 -17.74
CA ILE B 94 11.31 -1.74 -17.17
C ILE B 94 12.37 -0.92 -17.92
N GLY B 95 13.40 -0.48 -17.20
CA GLY B 95 14.44 0.30 -17.83
C GLY B 95 15.59 -0.53 -18.37
N TYR B 96 16.34 0.01 -19.32
CA TYR B 96 17.46 -0.71 -19.92
C TYR B 96 18.48 -1.05 -18.84
N TRP B 97 18.64 -0.14 -17.88
CA TRP B 97 19.59 -0.32 -16.80
C TRP B 97 19.37 -1.56 -15.94
N ALA B 98 18.20 -2.16 -16.04
CA ALA B 98 17.93 -3.37 -15.27
C ALA B 98 18.84 -4.50 -15.78
N PHE B 99 19.15 -4.44 -17.07
CA PHE B 99 19.96 -5.48 -17.71
C PHE B 99 21.40 -5.07 -18.01
N GLN B 100 21.62 -3.79 -18.30
CA GLN B 100 22.96 -3.30 -18.62
C GLN B 100 23.07 -1.80 -18.34
N ILE B 101 24.22 -1.37 -17.82
CA ILE B 101 24.41 0.04 -17.51
C ILE B 101 25.63 0.66 -18.18
N LEU B 102 25.57 1.96 -18.39
CA LEU B 102 26.68 2.70 -18.99
C LEU B 102 27.77 2.80 -17.93
N ASP B 103 29.01 2.98 -18.35
CA ASP B 103 30.13 3.07 -17.42
C ASP B 103 29.90 4.06 -16.28
N ASP B 104 29.23 5.18 -16.57
CA ASP B 104 28.99 6.17 -15.53
C ASP B 104 27.55 6.21 -15.00
N ASP B 105 26.80 5.12 -15.21
CA ASP B 105 25.42 5.06 -14.74
C ASP B 105 25.35 4.86 -13.22
N PRO B 106 24.46 5.60 -12.54
CA PRO B 106 24.30 5.50 -11.09
C PRO B 106 23.24 4.46 -10.71
N TYR B 107 22.53 3.95 -11.72
CA TYR B 107 21.47 2.97 -11.52
C TYR B 107 21.86 1.69 -10.82
N VAL B 108 20.91 1.11 -10.10
CA VAL B 108 21.10 -0.18 -9.44
C VAL B 108 20.68 -1.12 -10.57
N SER B 109 21.42 -2.20 -10.77
CA SER B 109 21.13 -3.11 -11.87
C SER B 109 21.19 -4.60 -11.51
N GLY B 110 20.61 -5.43 -12.37
CA GLY B 110 20.64 -6.87 -12.19
C GLY B 110 19.68 -7.52 -11.20
N LEU B 111 18.79 -6.73 -10.60
CA LEU B 111 17.85 -7.25 -9.64
C LEU B 111 16.41 -7.19 -10.14
N GLN B 112 16.15 -6.25 -11.04
CA GLN B 112 14.81 -6.06 -11.58
C GLN B 112 14.29 -7.22 -12.43
N GLU B 113 15.18 -7.87 -13.17
CA GLU B 113 14.76 -8.99 -14.02
C GLU B 113 14.05 -10.07 -13.22
N SER B 114 14.53 -10.32 -12.00
CA SER B 114 13.92 -11.32 -11.15
C SER B 114 12.47 -10.97 -10.85
N TYR B 115 12.22 -9.69 -10.58
CA TYR B 115 10.87 -9.24 -10.28
C TYR B 115 9.98 -9.33 -11.51
N LEU B 116 10.55 -9.07 -12.68
CA LEU B 116 9.78 -9.16 -13.92
C LEU B 116 9.35 -10.61 -14.15
N ASP B 117 10.28 -11.54 -13.96
CA ASP B 117 9.95 -12.96 -14.15
C ASP B 117 8.90 -13.40 -13.15
N GLN B 118 9.01 -12.91 -11.92
CA GLN B 118 8.03 -13.24 -10.89
C GLN B 118 6.66 -12.76 -11.32
N ALA B 119 6.59 -11.52 -11.79
CA ALA B 119 5.33 -10.94 -12.23
C ALA B 119 4.73 -11.74 -13.39
N ILE B 120 5.57 -12.17 -14.32
CA ILE B 120 5.05 -12.95 -15.45
C ILE B 120 4.44 -14.24 -14.90
N GLY B 121 5.05 -14.79 -13.87
CA GLY B 121 4.54 -15.99 -13.23
C GLY B 121 3.21 -15.70 -12.54
N TRP B 122 3.10 -14.57 -11.85
CA TRP B 122 1.84 -14.23 -11.18
C TRP B 122 0.75 -14.03 -12.22
N ALA B 123 1.12 -13.44 -13.35
CA ALA B 123 0.19 -13.19 -14.43
C ALA B 123 -0.34 -14.54 -14.92
N ARG B 124 0.57 -15.47 -15.19
CA ARG B 124 0.16 -16.79 -15.65
C ARG B 124 -0.73 -17.50 -14.63
N ASN B 125 -0.37 -17.43 -13.35
CA ASN B 125 -1.17 -18.08 -12.31
C ASN B 125 -2.58 -17.50 -12.26
N ASN B 126 -2.73 -16.25 -12.68
CA ASN B 126 -4.03 -15.58 -12.64
C ASN B 126 -4.67 -15.37 -14.02
N SER B 127 -4.21 -16.10 -15.02
CA SER B 127 -4.74 -16.00 -16.37
C SER B 127 -4.74 -14.58 -16.91
N LEU B 128 -3.60 -13.90 -16.77
CA LEU B 128 -3.45 -12.54 -17.29
C LEU B 128 -2.36 -12.58 -18.35
N LYS B 129 -2.54 -11.79 -19.41
CA LYS B 129 -1.54 -11.71 -20.46
C LYS B 129 -0.56 -10.62 -20.05
N VAL B 130 0.56 -10.53 -20.75
CA VAL B 130 1.61 -9.57 -20.41
C VAL B 130 2.29 -8.89 -21.60
N TRP B 131 2.70 -7.65 -21.38
CA TRP B 131 3.47 -6.87 -22.33
C TRP B 131 4.71 -6.49 -21.55
N VAL B 132 5.88 -6.79 -22.10
CA VAL B 132 7.13 -6.40 -21.46
C VAL B 132 7.45 -5.12 -22.22
N ASP B 133 7.56 -4.01 -21.49
CA ASP B 133 7.79 -2.72 -22.11
C ASP B 133 9.10 -2.04 -21.72
N LEU B 134 10.03 -1.95 -22.69
CA LEU B 134 11.32 -1.29 -22.45
C LEU B 134 10.94 0.18 -22.39
N HIS B 135 10.85 0.69 -21.16
CA HIS B 135 10.38 2.04 -20.87
C HIS B 135 11.43 3.15 -20.78
N GLY B 136 12.70 2.77 -20.76
CA GLY B 136 13.77 3.76 -20.68
C GLY B 136 14.98 3.31 -21.47
N ALA B 137 15.50 4.20 -22.32
CA ALA B 137 16.66 3.89 -23.14
C ALA B 137 17.86 4.71 -22.66
N ALA B 138 19.06 4.20 -22.94
CA ALA B 138 20.28 4.90 -22.56
C ALA B 138 20.29 6.31 -23.15
N GLY B 139 20.51 7.31 -22.29
CA GLY B 139 20.54 8.69 -22.75
C GLY B 139 19.15 9.31 -22.85
N SER B 140 18.13 8.50 -22.60
CA SER B 140 16.72 8.89 -22.66
C SER B 140 16.18 9.13 -24.07
N GLN B 141 15.01 8.58 -24.33
CA GLN B 141 14.33 8.68 -25.62
C GLN B 141 13.31 9.83 -25.66
N ASN B 142 13.07 10.48 -24.53
CA ASN B 142 12.07 11.56 -24.52
C ASN B 142 12.29 12.69 -23.52
N GLY B 143 13.31 12.59 -22.69
CA GLY B 143 13.56 13.63 -21.71
C GLY B 143 12.52 13.72 -20.60
N PHE B 144 11.68 12.71 -20.47
CA PHE B 144 10.66 12.70 -19.43
C PHE B 144 11.25 11.99 -18.22
N ASP B 145 10.74 12.31 -17.04
CA ASP B 145 11.25 11.66 -15.84
C ASP B 145 10.92 10.17 -15.88
N ASN B 146 9.85 9.81 -16.58
CA ASN B 146 9.45 8.40 -16.66
C ASN B 146 10.36 7.57 -17.56
N SER B 147 11.39 8.19 -18.12
CA SER B 147 12.34 7.46 -18.96
C SER B 147 13.50 7.07 -18.05
N GLY B 148 13.52 7.67 -16.86
CA GLY B 148 14.57 7.42 -15.89
C GLY B 148 15.49 8.62 -15.77
N LEU B 149 15.64 9.37 -16.87
CA LEU B 149 16.50 10.54 -16.91
C LEU B 149 15.80 11.68 -17.64
N ARG B 150 15.29 12.66 -16.91
CA ARG B 150 14.61 13.74 -17.59
C ARG B 150 15.57 14.79 -18.14
N ASP B 151 15.08 15.52 -19.15
CA ASP B 151 15.83 16.58 -19.81
C ASP B 151 17.06 16.13 -20.61
N SER B 152 17.02 14.89 -21.08
CA SER B 152 18.10 14.35 -21.89
C SER B 152 17.45 13.68 -23.10
N TYR B 153 18.07 13.80 -24.27
CA TYR B 153 17.49 13.23 -25.47
C TYR B 153 18.55 12.59 -26.35
N LYS B 154 19.41 11.77 -25.76
CA LYS B 154 20.50 11.14 -26.50
C LYS B 154 20.30 9.67 -26.84
N PHE B 155 19.03 9.27 -26.95
CA PHE B 155 18.66 7.90 -27.28
C PHE B 155 19.33 7.38 -28.56
N LEU B 156 19.22 8.14 -29.63
CA LEU B 156 19.78 7.72 -30.92
C LEU B 156 21.29 7.93 -31.09
N GLU B 157 21.97 8.43 -30.06
CA GLU B 157 23.41 8.62 -30.16
C GLU B 157 23.99 7.21 -30.26
N ASP B 158 24.82 7.00 -31.27
CA ASP B 158 25.41 5.68 -31.51
C ASP B 158 25.90 4.94 -30.26
N SER B 159 26.59 5.64 -29.36
CA SER B 159 27.09 5.01 -28.15
C SER B 159 25.96 4.45 -27.29
N ASN B 160 24.97 5.29 -27.01
CA ASN B 160 23.81 4.91 -26.22
C ASN B 160 22.96 3.85 -26.93
N LEU B 161 22.67 4.12 -28.20
CA LEU B 161 21.84 3.21 -28.99
C LEU B 161 22.35 1.77 -28.98
N ALA B 162 23.68 1.61 -29.02
CA ALA B 162 24.26 0.27 -29.02
C ALA B 162 23.92 -0.50 -27.73
N VAL B 163 23.87 0.23 -26.61
CA VAL B 163 23.56 -0.38 -25.33
C VAL B 163 22.08 -0.76 -25.28
N THR B 164 21.21 0.18 -25.61
CA THR B 164 19.78 -0.06 -25.62
C THR B 164 19.46 -1.24 -26.53
N ILE B 165 20.16 -1.32 -27.66
CA ILE B 165 19.98 -2.40 -28.63
C ILE B 165 20.33 -3.74 -28.00
N ASN B 166 21.50 -3.80 -27.38
CA ASN B 166 21.95 -5.04 -26.76
C ASN B 166 20.93 -5.49 -25.72
N VAL B 167 20.36 -4.54 -24.98
CA VAL B 167 19.36 -4.87 -23.99
C VAL B 167 18.06 -5.37 -24.64
N LEU B 168 17.58 -4.64 -25.65
CA LEU B 168 16.36 -5.02 -26.35
C LEU B 168 16.47 -6.45 -26.88
N ASN B 169 17.58 -6.76 -27.54
CA ASN B 169 17.80 -8.09 -28.08
C ASN B 169 17.75 -9.15 -27.00
N TYR B 170 18.32 -8.84 -25.83
CA TYR B 170 18.30 -9.81 -24.74
C TYR B 170 16.84 -10.07 -24.37
N ILE B 171 16.08 -9.00 -24.25
CA ILE B 171 14.66 -9.09 -23.91
C ILE B 171 13.89 -9.86 -24.98
N LEU B 172 14.10 -9.50 -26.24
CA LEU B 172 13.43 -10.17 -27.35
C LEU B 172 13.70 -11.66 -27.36
N LYS B 173 14.95 -12.04 -27.15
CA LYS B 173 15.32 -13.45 -27.16
C LYS B 173 14.73 -14.22 -25.98
N LYS B 174 14.83 -13.66 -24.78
CA LYS B 174 14.31 -14.35 -23.60
C LYS B 174 12.80 -14.50 -23.55
N TYR B 175 12.08 -13.39 -23.70
CA TYR B 175 10.65 -13.41 -23.60
C TYR B 175 9.87 -13.76 -24.87
N SER B 176 10.57 -14.32 -25.85
CA SER B 176 9.94 -14.76 -27.10
C SER B 176 10.06 -16.28 -27.20
N ALA B 177 10.66 -16.89 -26.19
CA ALA B 177 10.82 -18.33 -26.15
C ALA B 177 9.47 -18.98 -25.91
N GLU B 178 9.31 -20.21 -26.38
CA GLU B 178 8.05 -20.93 -26.23
C GLU B 178 7.41 -20.83 -24.85
N GLU B 179 8.23 -20.91 -23.81
CA GLU B 179 7.75 -20.85 -22.43
C GLU B 179 6.99 -19.57 -22.08
N TYR B 180 7.26 -18.49 -22.80
CA TYR B 180 6.62 -17.21 -22.52
C TYR B 180 5.51 -16.80 -23.48
N LEU B 181 5.55 -17.32 -24.71
CA LEU B 181 4.57 -16.95 -25.74
C LEU B 181 3.09 -16.95 -25.36
N ASP B 182 2.67 -17.88 -24.51
CA ASP B 182 1.25 -17.93 -24.15
C ASP B 182 0.84 -16.81 -23.20
N ILE B 183 1.78 -16.32 -22.39
CA ILE B 183 1.48 -15.27 -21.43
C ILE B 183 1.94 -13.90 -21.93
N VAL B 184 3.19 -13.82 -22.37
CA VAL B 184 3.72 -12.57 -22.88
C VAL B 184 3.30 -12.48 -24.35
N ILE B 185 2.36 -11.58 -24.64
CA ILE B 185 1.88 -11.44 -26.00
C ILE B 185 2.32 -10.16 -26.67
N GLY B 186 3.36 -9.53 -26.11
CA GLY B 186 3.87 -8.31 -26.70
C GLY B 186 5.10 -7.78 -26.00
N ILE B 187 6.06 -7.30 -26.78
CA ILE B 187 7.28 -6.71 -26.24
C ILE B 187 7.38 -5.35 -26.91
N GLU B 188 7.35 -4.30 -26.11
CA GLU B 188 7.40 -2.94 -26.64
C GLU B 188 8.85 -2.48 -26.77
N LEU B 189 9.26 -2.22 -28.00
CA LEU B 189 10.61 -1.82 -28.33
C LEU B 189 11.17 -0.63 -27.54
N ILE B 190 10.36 0.43 -27.42
CA ILE B 190 10.76 1.60 -26.64
C ILE B 190 9.53 2.47 -26.37
N ASN B 191 9.33 2.79 -25.10
CA ASN B 191 8.19 3.60 -24.71
C ASN B 191 8.35 5.08 -25.03
N GLU B 192 7.29 5.66 -25.57
CA GLU B 192 7.21 7.07 -25.91
C GLU B 192 8.46 7.78 -26.43
N PRO B 193 9.04 7.29 -27.53
CA PRO B 193 10.22 8.01 -28.01
C PRO B 193 9.65 9.35 -28.48
N LEU B 194 10.33 10.45 -28.20
CA LEU B 194 9.82 11.76 -28.58
C LEU B 194 10.06 12.05 -30.07
N GLY B 195 9.25 11.41 -30.91
CA GLY B 195 9.38 11.56 -32.35
C GLY B 195 9.72 12.93 -32.90
N PRO B 196 8.96 13.97 -32.55
CA PRO B 196 9.21 15.33 -33.03
C PRO B 196 10.63 15.86 -32.85
N VAL B 197 11.33 15.39 -31.81
CA VAL B 197 12.69 15.85 -31.55
C VAL B 197 13.76 14.86 -31.99
N LEU B 198 13.34 13.65 -32.35
CA LEU B 198 14.29 12.62 -32.77
C LEU B 198 14.37 12.50 -34.29
N ASP B 199 15.35 11.73 -34.74
CA ASP B 199 15.55 11.47 -36.16
C ASP B 199 14.75 10.21 -36.45
N MET B 200 13.50 10.38 -36.87
CA MET B 200 12.61 9.26 -37.16
C MET B 200 13.21 8.20 -38.09
N ASP B 201 13.92 8.65 -39.13
CA ASP B 201 14.51 7.71 -40.07
C ASP B 201 15.57 6.85 -39.39
N LYS B 202 16.37 7.47 -38.52
CA LYS B 202 17.40 6.74 -37.81
C LYS B 202 16.79 5.75 -36.82
N MET B 203 15.71 6.15 -36.16
CA MET B 203 15.07 5.24 -35.22
C MET B 203 14.54 4.01 -35.96
N LYS B 204 13.94 4.25 -37.12
CA LYS B 204 13.39 3.15 -37.91
C LYS B 204 14.46 2.21 -38.44
N ASN B 205 15.46 2.78 -39.12
CA ASN B 205 16.52 1.98 -39.71
C ASN B 205 17.55 1.39 -38.77
N ASP B 206 17.84 2.08 -37.66
CA ASP B 206 18.84 1.57 -36.74
C ASP B 206 18.33 1.01 -35.42
N TYR B 207 17.03 1.03 -35.21
CA TYR B 207 16.49 0.50 -33.96
C TYR B 207 15.29 -0.42 -34.16
N LEU B 208 14.24 0.11 -34.77
CA LEU B 208 13.02 -0.67 -34.99
C LEU B 208 13.21 -1.80 -36.02
N ALA B 209 13.66 -1.45 -37.22
CA ALA B 209 13.86 -2.45 -38.27
C ALA B 209 14.75 -3.61 -37.84
N PRO B 210 15.94 -3.30 -37.27
CA PRO B 210 16.83 -4.39 -36.85
C PRO B 210 16.23 -5.29 -35.77
N ALA B 211 15.32 -4.74 -34.96
CA ALA B 211 14.68 -5.51 -33.91
C ALA B 211 13.81 -6.58 -34.54
N TYR B 212 13.04 -6.18 -35.55
CA TYR B 212 12.15 -7.12 -36.23
C TYR B 212 12.96 -8.24 -36.86
N GLU B 213 14.04 -7.87 -37.56
CA GLU B 213 14.86 -8.88 -38.22
C GLU B 213 15.48 -9.85 -37.23
N TYR B 214 15.95 -9.33 -36.10
CA TYR B 214 16.56 -10.16 -35.07
C TYR B 214 15.55 -11.17 -34.54
N LEU B 215 14.37 -10.66 -34.16
CA LEU B 215 13.31 -11.49 -33.61
C LEU B 215 12.80 -12.57 -34.57
N ARG B 216 12.47 -12.14 -35.78
CA ARG B 216 11.91 -13.04 -36.79
C ARG B 216 12.90 -13.92 -37.55
N ASN B 217 14.03 -13.35 -37.95
CA ASN B 217 15.01 -14.10 -38.73
C ASN B 217 16.14 -14.75 -37.95
N ASN B 218 16.56 -14.15 -36.84
CA ASN B 218 17.63 -14.72 -36.04
C ASN B 218 17.06 -15.64 -34.96
N ILE B 219 16.24 -15.08 -34.09
CA ILE B 219 15.62 -15.85 -33.01
C ILE B 219 14.54 -16.77 -33.57
N LYS B 220 13.85 -16.29 -34.60
CA LYS B 220 12.80 -17.05 -35.25
C LYS B 220 11.62 -17.36 -34.35
N SER B 221 11.07 -16.30 -33.75
CA SER B 221 9.92 -16.43 -32.86
C SER B 221 8.73 -15.71 -33.48
N ASP B 222 7.52 -16.07 -33.05
CA ASP B 222 6.34 -15.41 -33.57
C ASP B 222 5.78 -14.39 -32.59
N GLN B 223 6.61 -14.01 -31.61
CA GLN B 223 6.23 -13.02 -30.60
C GLN B 223 5.86 -11.72 -31.32
N VAL B 224 4.85 -11.02 -30.79
CA VAL B 224 4.41 -9.77 -31.37
C VAL B 224 5.20 -8.59 -30.83
N ILE B 225 5.64 -7.69 -31.72
CA ILE B 225 6.37 -6.52 -31.26
C ILE B 225 5.40 -5.36 -31.18
N ILE B 226 5.58 -4.52 -30.16
CA ILE B 226 4.73 -3.36 -29.97
C ILE B 226 5.59 -2.13 -30.26
N ILE B 227 5.11 -1.28 -31.15
CA ILE B 227 5.84 -0.08 -31.52
C ILE B 227 5.04 1.14 -31.08
N HIS B 228 5.60 1.95 -30.18
CA HIS B 228 4.87 3.14 -29.74
C HIS B 228 4.81 4.13 -30.91
N ASP B 229 3.71 4.87 -31.02
CA ASP B 229 3.55 5.79 -32.15
C ASP B 229 4.47 6.99 -32.21
N ALA B 230 5.37 7.13 -31.23
CA ALA B 230 6.32 8.23 -31.21
C ALA B 230 5.66 9.59 -31.31
N PHE B 231 4.39 9.66 -30.91
CA PHE B 231 3.61 10.88 -30.93
C PHE B 231 3.34 11.40 -32.33
N GLN B 232 3.49 10.54 -33.33
CA GLN B 232 3.22 10.93 -34.71
C GLN B 232 1.71 10.83 -34.92
N PRO B 233 1.18 11.56 -35.91
CA PRO B 233 -0.26 11.51 -36.18
C PRO B 233 -0.75 10.14 -36.66
N TYR B 234 -2.06 9.93 -36.60
CA TYR B 234 -2.63 8.67 -37.06
C TYR B 234 -2.20 8.38 -38.49
N ASN B 235 -2.14 7.09 -38.83
CA ASN B 235 -1.75 6.65 -40.17
C ASN B 235 -0.27 6.83 -40.50
N TYR B 236 0.47 7.48 -39.62
CA TYR B 236 1.89 7.70 -39.86
C TYR B 236 2.65 6.40 -40.12
N TRP B 237 2.33 5.38 -39.34
CA TRP B 237 3.02 4.09 -39.45
C TRP B 237 2.44 3.10 -40.46
N ASP B 238 1.39 3.50 -41.17
CA ASP B 238 0.77 2.60 -42.14
C ASP B 238 1.73 2.07 -43.18
N ASP B 239 2.67 2.91 -43.63
CA ASP B 239 3.64 2.50 -44.65
C ASP B 239 4.90 1.85 -44.10
N PHE B 240 4.93 1.59 -42.80
CA PHE B 240 6.10 0.98 -42.15
C PHE B 240 5.83 -0.49 -41.83
N MET B 241 6.80 -1.35 -42.11
CA MET B 241 6.67 -2.79 -41.85
C MET B 241 5.28 -3.28 -42.26
N THR B 242 4.97 -3.16 -43.55
CA THR B 242 3.68 -3.56 -44.06
C THR B 242 3.56 -5.05 -44.34
N GLU B 243 2.33 -5.54 -44.38
CA GLU B 243 2.08 -6.95 -44.67
C GLU B 243 2.49 -7.20 -46.11
N ASN B 244 2.26 -6.19 -46.95
CA ASN B 244 2.61 -6.26 -48.37
C ASN B 244 4.08 -6.64 -48.50
N ASP B 245 4.93 -6.10 -47.62
CA ASP B 245 6.34 -6.40 -47.66
C ASP B 245 6.74 -7.63 -46.84
N GLY B 246 5.74 -8.39 -46.40
CA GLY B 246 6.01 -9.60 -45.65
C GLY B 246 6.17 -9.48 -44.13
N TYR B 247 5.77 -8.35 -43.57
CA TYR B 247 5.87 -8.18 -42.12
C TYR B 247 4.56 -8.56 -41.43
N TRP B 248 4.68 -9.10 -40.22
CA TRP B 248 3.51 -9.48 -39.44
C TRP B 248 3.83 -9.45 -37.95
N GLY B 249 2.79 -9.48 -37.13
CA GLY B 249 3.00 -9.47 -35.69
C GLY B 249 3.54 -8.14 -35.21
N VAL B 250 3.00 -7.06 -35.76
CA VAL B 250 3.40 -5.71 -35.39
C VAL B 250 2.18 -4.91 -34.94
N THR B 251 2.24 -4.37 -33.73
CA THR B 251 1.14 -3.59 -33.17
C THR B 251 1.59 -2.17 -32.85
N ILE B 252 0.76 -1.18 -33.20
CA ILE B 252 1.09 0.21 -32.92
C ILE B 252 0.40 0.62 -31.61
N ASP B 253 1.19 1.12 -30.67
CA ASP B 253 0.68 1.56 -29.37
C ASP B 253 0.46 3.06 -29.35
N HIS B 254 -0.80 3.47 -29.25
CA HIS B 254 -1.14 4.89 -29.18
C HIS B 254 -1.47 5.25 -27.72
N HIS B 255 -0.90 6.35 -27.23
CA HIS B 255 -1.20 6.81 -25.87
C HIS B 255 -2.13 8.01 -26.05
N HIS B 256 -3.07 8.17 -25.14
CA HIS B 256 -4.05 9.25 -25.24
C HIS B 256 -4.35 9.93 -23.92
N TYR B 257 -4.13 11.24 -23.88
CA TYR B 257 -4.39 12.06 -22.69
C TYR B 257 -4.91 13.41 -23.16
N GLN B 258 -5.56 14.14 -22.26
CA GLN B 258 -6.08 15.46 -22.60
C GLN B 258 -5.81 16.42 -21.44
N VAL B 259 -4.67 16.26 -20.79
CA VAL B 259 -4.34 17.11 -19.65
C VAL B 259 -2.93 17.72 -19.67
N PHE B 260 -2.13 17.38 -20.68
CA PHE B 260 -0.77 17.92 -20.74
C PHE B 260 -0.59 19.16 -21.59
N ALA B 261 -1.67 19.91 -21.75
CA ALA B 261 -1.66 21.15 -22.52
C ALA B 261 -2.84 22.00 -22.05
N SER B 262 -2.62 23.30 -21.93
CA SER B 262 -3.66 24.22 -21.47
C SER B 262 -4.91 24.22 -22.35
N ASP B 263 -4.73 24.18 -23.66
CA ASP B 263 -5.88 24.19 -24.56
C ASP B 263 -6.70 22.91 -24.34
N GLN B 264 -6.02 21.80 -24.07
CA GLN B 264 -6.70 20.54 -23.83
C GLN B 264 -7.44 20.59 -22.49
N LEU B 265 -6.81 21.18 -21.48
CA LEU B 265 -7.41 21.29 -20.16
C LEU B 265 -8.61 22.24 -20.14
N GLU B 266 -8.64 23.17 -21.09
CA GLU B 266 -9.73 24.15 -21.18
C GLU B 266 -11.00 23.58 -21.81
N ARG B 267 -10.90 22.39 -22.39
CA ARG B 267 -12.06 21.77 -23.03
C ARG B 267 -13.22 21.51 -22.09
N SER B 268 -14.43 21.63 -22.62
CA SER B 268 -15.63 21.34 -21.85
C SER B 268 -15.68 19.82 -21.81
N ILE B 269 -16.53 19.27 -20.95
CA ILE B 269 -16.63 17.81 -20.88
C ILE B 269 -17.08 17.25 -22.22
N ASP B 270 -17.97 17.99 -22.90
CA ASP B 270 -18.45 17.52 -24.20
C ASP B 270 -17.31 17.50 -25.20
N GLU B 271 -16.45 18.52 -25.16
CA GLU B 271 -15.31 18.58 -26.08
C GLU B 271 -14.33 17.44 -25.78
N HIS B 272 -14.13 17.15 -24.49
CA HIS B 272 -13.23 16.07 -24.09
C HIS B 272 -13.76 14.74 -24.64
N ILE B 273 -15.06 14.55 -24.52
CA ILE B 273 -15.71 13.32 -24.99
C ILE B 273 -15.63 13.18 -26.51
N LYS B 274 -15.88 14.26 -27.23
CA LYS B 274 -15.81 14.20 -28.69
C LYS B 274 -14.41 13.78 -29.15
N VAL B 275 -13.38 14.32 -28.52
CA VAL B 275 -12.01 13.98 -28.88
C VAL B 275 -11.70 12.52 -28.55
N ALA B 276 -12.22 12.04 -27.43
CA ALA B 276 -11.99 10.66 -27.02
C ALA B 276 -12.60 9.71 -28.04
N CYS B 277 -13.87 9.96 -28.38
CA CYS B 277 -14.55 9.12 -29.34
C CYS B 277 -13.80 9.13 -30.66
N GLU B 278 -13.27 10.29 -31.04
CA GLU B 278 -12.53 10.40 -32.29
C GLU B 278 -11.21 9.64 -32.25
N TRP B 279 -10.65 9.43 -31.06
CA TRP B 279 -9.41 8.67 -30.94
C TRP B 279 -9.71 7.25 -31.42
N GLY B 280 -10.93 6.79 -31.15
CA GLY B 280 -11.33 5.44 -31.52
C GLY B 280 -11.66 5.23 -32.98
N THR B 281 -12.44 6.13 -33.55
CA THR B 281 -12.82 6.00 -34.96
C THR B 281 -11.61 6.24 -35.87
N GLY B 282 -10.71 7.11 -35.43
CA GLY B 282 -9.53 7.43 -36.21
C GLY B 282 -8.54 6.30 -36.47
N VAL B 283 -8.56 5.25 -35.67
CA VAL B 283 -7.62 4.15 -35.87
C VAL B 283 -8.19 3.03 -36.74
N LEU B 284 -9.49 3.07 -36.99
CA LEU B 284 -10.12 2.06 -37.83
C LEU B 284 -9.50 2.11 -39.21
N ASN B 285 -8.98 3.29 -39.56
CA ASN B 285 -8.34 3.58 -40.83
C ASN B 285 -6.94 3.01 -41.00
N GLU B 286 -6.19 2.93 -39.90
CA GLU B 286 -4.82 2.44 -39.96
C GLU B 286 -4.66 1.01 -40.43
N SER B 287 -3.50 0.73 -41.02
CA SER B 287 -3.20 -0.59 -41.57
C SER B 287 -2.32 -1.45 -40.67
N HIS B 288 -2.41 -1.23 -39.36
CA HIS B 288 -1.66 -2.01 -38.37
C HIS B 288 -2.56 -2.31 -37.20
N TRP B 289 -2.35 -3.46 -36.56
CA TRP B 289 -3.10 -3.79 -35.37
C TRP B 289 -2.79 -2.63 -34.45
N ILE B 290 -3.64 -2.38 -33.47
CA ILE B 290 -3.41 -1.27 -32.58
C ILE B 290 -4.07 -1.45 -31.22
N VAL B 291 -3.41 -0.92 -30.19
CA VAL B 291 -3.91 -0.97 -28.82
C VAL B 291 -3.56 0.35 -28.16
N CYS B 292 -4.46 0.89 -27.34
CA CYS B 292 -4.16 2.12 -26.63
C CYS B 292 -3.46 1.66 -25.36
N GLY B 293 -2.14 1.70 -25.37
CA GLY B 293 -1.35 1.23 -24.24
C GLY B 293 -1.37 2.11 -23.01
N GLU B 294 -1.92 3.31 -23.14
CA GLU B 294 -2.01 4.25 -22.02
C GLU B 294 -3.10 5.29 -22.22
N PHE B 295 -3.91 5.49 -21.18
CA PHE B 295 -4.94 6.51 -21.15
C PHE B 295 -5.26 6.63 -19.66
N ALA B 296 -5.98 7.69 -19.28
CA ALA B 296 -6.32 7.87 -17.87
C ALA B 296 -7.66 8.55 -17.70
N ALA B 297 -8.19 8.47 -16.49
CA ALA B 297 -9.47 9.10 -16.17
C ALA B 297 -9.27 10.59 -15.92
N ALA B 298 -8.02 11.00 -15.75
CA ALA B 298 -7.67 12.39 -15.48
C ALA B 298 -8.19 13.42 -16.48
N LEU B 299 -8.74 14.51 -15.94
CA LEU B 299 -9.25 15.63 -16.74
C LEU B 299 -8.51 16.91 -16.31
N THR B 300 -7.56 16.74 -15.38
CA THR B 300 -6.74 17.85 -14.91
C THR B 300 -5.34 17.30 -14.74
N ASP B 301 -4.36 18.18 -14.61
CA ASP B 301 -2.98 17.77 -14.40
C ASP B 301 -2.59 18.22 -12.99
N CYS B 302 -3.58 18.22 -12.10
CA CYS B 302 -3.42 18.64 -10.71
C CYS B 302 -2.59 17.73 -9.81
N ILE B 303 -2.54 16.44 -10.13
CA ILE B 303 -1.79 15.50 -9.30
C ILE B 303 -0.38 15.95 -9.00
N LYS B 304 -0.03 15.93 -7.72
CA LYS B 304 1.29 16.35 -7.27
C LYS B 304 2.41 15.67 -8.05
N TRP B 305 3.27 16.50 -8.64
CA TRP B 305 4.42 16.07 -9.41
C TRP B 305 4.11 15.34 -10.71
N LEU B 306 2.88 15.44 -11.18
CA LEU B 306 2.53 14.78 -12.44
C LEU B 306 3.43 15.36 -13.54
N ASN B 307 3.71 16.65 -13.44
CA ASN B 307 4.57 17.32 -14.42
C ASN B 307 6.04 17.32 -13.99
N SER B 308 6.38 16.39 -13.10
CA SER B 308 7.73 16.18 -12.56
C SER B 308 8.06 17.05 -11.35
N VAL B 309 9.03 16.59 -10.55
CA VAL B 309 9.44 17.29 -9.35
C VAL B 309 9.80 18.75 -9.60
N GLY B 310 9.22 19.65 -8.82
CA GLY B 310 9.51 21.06 -8.98
C GLY B 310 8.54 21.80 -9.88
N PHE B 311 7.60 21.08 -10.48
CA PHE B 311 6.63 21.72 -11.36
C PHE B 311 5.21 21.62 -10.82
N GLY B 312 4.41 22.64 -11.09
CA GLY B 312 3.04 22.68 -10.63
C GLY B 312 2.07 22.18 -11.67
N ALA B 313 0.82 22.64 -11.58
CA ALA B 313 -0.23 22.23 -12.50
C ALA B 313 -0.73 23.34 -13.42
N ARG B 314 -0.87 23.04 -14.71
CA ARG B 314 -1.37 24.02 -15.65
C ARG B 314 -2.83 24.34 -15.34
N TYR B 315 -3.57 23.34 -14.86
CA TYR B 315 -4.98 23.49 -14.56
C TYR B 315 -5.33 24.66 -13.63
N ASP B 316 -4.61 24.79 -12.52
CA ASP B 316 -4.89 25.87 -11.59
C ASP B 316 -3.90 27.02 -11.78
N GLY B 317 -3.20 26.99 -12.90
CA GLY B 317 -2.24 28.04 -13.21
C GLY B 317 -1.01 28.08 -12.32
N SER B 318 -0.61 26.94 -11.76
CA SER B 318 0.57 26.89 -10.90
C SER B 318 1.77 26.32 -11.64
N TRP B 319 1.60 26.06 -12.92
CA TRP B 319 2.68 25.49 -13.73
C TRP B 319 3.49 26.55 -14.47
N VAL B 320 4.81 26.41 -14.41
CA VAL B 320 5.74 27.33 -15.08
C VAL B 320 6.98 26.55 -15.48
N ASN B 321 7.48 26.82 -16.68
CA ASN B 321 8.68 26.17 -17.18
C ASN B 321 9.48 27.18 -18.00
N GLY B 322 10.54 27.71 -17.41
CA GLY B 322 11.36 28.69 -18.10
C GLY B 322 10.57 29.98 -18.21
N ASP B 323 10.39 30.47 -19.44
CA ASP B 323 9.63 31.70 -19.65
C ASP B 323 8.19 31.35 -20.04
N GLN B 324 7.91 30.05 -20.03
CA GLN B 324 6.57 29.55 -20.36
C GLN B 324 5.74 29.49 -19.10
N THR B 325 4.49 29.95 -19.17
CA THR B 325 3.61 29.95 -18.01
C THR B 325 2.24 29.37 -18.33
N SER B 326 1.46 29.12 -17.29
CA SER B 326 0.12 28.58 -17.44
C SER B 326 -0.85 29.58 -16.80
N SER B 327 -2.14 29.39 -17.04
CA SER B 327 -3.16 30.28 -16.48
C SER B 327 -4.24 29.52 -15.75
N TYR B 328 -4.77 30.14 -14.69
CA TYR B 328 -5.81 29.52 -13.88
C TYR B 328 -7.02 29.10 -14.71
N ILE B 329 -7.39 27.83 -14.59
CA ILE B 329 -8.56 27.30 -15.28
C ILE B 329 -9.55 26.88 -14.21
N GLY B 330 -9.06 26.11 -13.24
CA GLY B 330 -9.89 25.65 -12.15
C GLY B 330 -9.03 25.35 -10.94
N SER B 331 -9.66 25.06 -9.81
CA SER B 331 -8.92 24.77 -8.59
C SER B 331 -8.38 23.34 -8.53
N CYS B 332 -7.25 23.18 -7.84
CA CYS B 332 -6.63 21.87 -7.67
C CYS B 332 -6.71 21.40 -6.23
N ALA B 333 -7.30 22.23 -5.37
CA ALA B 333 -7.43 21.92 -3.95
C ALA B 333 -8.19 20.63 -3.68
N ASN B 334 -7.60 19.77 -2.85
CA ASN B 334 -8.20 18.50 -2.49
C ASN B 334 -8.53 17.69 -3.74
N ASN B 335 -7.72 17.88 -4.78
CA ASN B 335 -7.92 17.21 -6.07
C ASN B 335 -8.14 15.71 -6.00
N ASP B 336 -7.34 15.03 -5.20
CA ASP B 336 -7.46 13.58 -5.09
C ASP B 336 -8.33 13.12 -3.94
N ASP B 337 -9.00 14.04 -3.28
CA ASP B 337 -9.87 13.69 -2.16
C ASP B 337 -11.31 13.61 -2.64
N ILE B 338 -11.80 12.38 -2.81
CA ILE B 338 -13.16 12.15 -3.29
C ILE B 338 -14.21 12.89 -2.45
N ALA B 339 -13.86 13.19 -1.19
CA ALA B 339 -14.78 13.89 -0.31
C ALA B 339 -15.09 15.30 -0.83
N TYR B 340 -14.17 15.85 -1.61
CA TYR B 340 -14.34 17.18 -2.17
C TYR B 340 -14.75 17.20 -3.64
N TRP B 341 -15.21 16.07 -4.15
CA TRP B 341 -15.65 15.97 -5.54
C TRP B 341 -17.14 16.23 -5.64
N SER B 342 -17.52 17.23 -6.43
CA SER B 342 -18.93 17.55 -6.62
C SER B 342 -19.56 16.42 -7.44
N ASP B 343 -20.89 16.40 -7.50
CA ASP B 343 -21.58 15.36 -8.27
C ASP B 343 -21.27 15.55 -9.75
N GLU B 344 -21.17 16.81 -10.17
CA GLU B 344 -20.89 17.12 -11.56
C GLU B 344 -19.51 16.59 -11.95
N ARG B 345 -18.54 16.73 -11.06
CA ARG B 345 -17.20 16.24 -11.36
C ARG B 345 -17.16 14.71 -11.43
N LYS B 346 -17.90 14.04 -10.55
CA LYS B 346 -17.92 12.59 -10.55
C LYS B 346 -18.56 12.12 -11.86
N GLU B 347 -19.68 12.75 -12.22
CA GLU B 347 -20.38 12.39 -13.45
C GLU B 347 -19.49 12.59 -14.67
N ASN B 348 -18.84 13.74 -14.77
CA ASN B 348 -17.98 14.02 -15.93
C ASN B 348 -16.83 13.05 -16.05
N THR B 349 -16.26 12.64 -14.92
CA THR B 349 -15.16 11.69 -14.96
C THR B 349 -15.67 10.33 -15.41
N ARG B 350 -16.80 9.89 -14.89
CA ARG B 350 -17.36 8.60 -15.27
C ARG B 350 -17.70 8.62 -16.76
N ARG B 351 -18.26 9.74 -17.22
CA ARG B 351 -18.61 9.88 -18.63
C ARG B 351 -17.35 9.79 -19.50
N TYR B 352 -16.31 10.51 -19.09
CA TYR B 352 -15.06 10.54 -19.84
C TYR B 352 -14.42 9.16 -19.93
N VAL B 353 -14.41 8.44 -18.82
CA VAL B 353 -13.86 7.09 -18.78
C VAL B 353 -14.60 6.15 -19.73
N GLU B 354 -15.92 6.17 -19.67
CA GLU B 354 -16.74 5.30 -20.52
C GLU B 354 -16.55 5.59 -22.02
N ALA B 355 -16.48 6.87 -22.38
CA ALA B 355 -16.28 7.24 -23.78
C ALA B 355 -14.93 6.72 -24.27
N GLN B 356 -13.91 6.84 -23.43
CA GLN B 356 -12.60 6.35 -23.82
C GLN B 356 -12.61 4.84 -24.00
N LEU B 357 -13.21 4.15 -23.04
CA LEU B 357 -13.27 2.69 -23.11
C LEU B 357 -14.00 2.26 -24.38
N ASP B 358 -15.15 2.88 -24.66
CA ASP B 358 -15.91 2.53 -25.85
C ASP B 358 -15.09 2.79 -27.11
N ALA B 359 -14.41 3.94 -27.13
CA ALA B 359 -13.60 4.30 -28.28
C ALA B 359 -12.48 3.29 -28.53
N PHE B 360 -11.72 2.96 -27.48
CA PHE B 360 -10.61 2.05 -27.61
C PHE B 360 -11.00 0.61 -27.91
N GLU B 361 -12.20 0.20 -27.51
CA GLU B 361 -12.62 -1.16 -27.78
C GLU B 361 -13.14 -1.33 -29.20
N MET B 362 -13.22 -0.22 -29.94
CA MET B 362 -13.65 -0.28 -31.33
C MET B 362 -12.60 -1.08 -32.10
N ARG B 363 -11.35 -1.03 -31.61
CA ARG B 363 -10.27 -1.77 -32.22
C ARG B 363 -9.07 -2.02 -31.29
N GLY B 364 -8.76 -3.29 -31.06
CA GLY B 364 -7.61 -3.64 -30.24
C GLY B 364 -7.81 -3.68 -28.72
N GLY B 365 -8.23 -2.56 -28.14
CA GLY B 365 -8.43 -2.54 -26.71
C GLY B 365 -7.67 -1.42 -26.03
N TRP B 366 -7.52 -1.53 -24.72
CA TRP B 366 -6.88 -0.49 -23.93
C TRP B 366 -6.14 -1.00 -22.70
N ILE B 367 -5.34 -0.11 -22.12
CA ILE B 367 -4.57 -0.40 -20.91
C ILE B 367 -4.55 0.92 -20.13
N ILE B 368 -5.23 0.97 -19.01
CA ILE B 368 -5.29 2.20 -18.22
C ILE B 368 -3.97 2.50 -17.53
N TRP B 369 -3.55 3.76 -17.51
CA TRP B 369 -2.27 4.01 -16.88
C TRP B 369 -2.26 3.84 -15.39
N CYS B 370 -1.56 2.78 -15.05
CA CYS B 370 -1.31 2.30 -13.73
C CYS B 370 -2.45 2.04 -12.76
N TYR B 371 -2.39 0.81 -12.30
CA TYR B 371 -3.30 0.22 -11.39
C TYR B 371 -3.34 0.86 -10.02
N LYS B 372 -2.20 1.34 -9.55
CA LYS B 372 -2.13 1.92 -8.22
C LYS B 372 -1.07 2.99 -8.05
N THR B 373 -1.36 3.91 -7.13
CA THR B 373 -0.46 5.03 -6.80
C THR B 373 -0.54 5.21 -5.29
N GLU B 374 0.40 5.94 -4.72
CA GLU B 374 0.37 6.16 -3.28
C GLU B 374 -0.80 7.01 -2.83
N SER B 375 -1.11 8.05 -3.60
CA SER B 375 -2.18 8.96 -3.18
C SER B 375 -3.09 9.56 -4.24
N SER B 376 -2.86 9.24 -5.51
CA SER B 376 -3.70 9.81 -6.56
C SER B 376 -5.04 9.10 -6.76
N LEU B 377 -6.02 9.84 -7.27
CA LEU B 377 -7.33 9.29 -7.57
C LEU B 377 -7.48 9.20 -9.09
N GLU B 378 -7.20 10.32 -9.76
CA GLU B 378 -7.32 10.39 -11.22
C GLU B 378 -6.42 9.42 -12.00
N TRP B 379 -5.30 9.02 -11.42
CA TRP B 379 -4.36 8.12 -12.10
C TRP B 379 -4.30 6.74 -11.47
N ASP B 380 -5.29 6.45 -10.64
CA ASP B 380 -5.32 5.22 -9.88
C ASP B 380 -6.54 4.37 -10.17
N ALA B 381 -6.36 3.28 -10.93
CA ALA B 381 -7.47 2.40 -11.28
C ALA B 381 -8.20 1.87 -10.04
N GLN B 382 -7.45 1.44 -9.02
CA GLN B 382 -8.08 0.91 -7.82
C GLN B 382 -9.00 1.93 -7.16
N ARG B 383 -8.51 3.15 -6.98
CA ARG B 383 -9.33 4.18 -6.33
C ARG B 383 -10.48 4.63 -7.22
N LEU B 384 -10.27 4.67 -8.53
CA LEU B 384 -11.35 5.05 -9.44
C LEU B 384 -12.46 4.00 -9.34
N MET B 385 -12.09 2.73 -9.30
CA MET B 385 -13.10 1.66 -9.21
C MET B 385 -13.86 1.70 -7.88
N PHE B 386 -13.13 1.89 -6.78
CA PHE B 386 -13.78 1.92 -5.47
C PHE B 386 -14.80 3.04 -5.39
N ASN B 387 -14.48 4.18 -5.98
CA ASN B 387 -15.37 5.33 -5.95
C ASN B 387 -16.40 5.38 -7.06
N GLY B 388 -16.52 4.29 -7.80
CA GLY B 388 -17.52 4.21 -8.86
C GLY B 388 -17.22 5.03 -10.11
N LEU B 389 -15.98 5.46 -10.26
CA LEU B 389 -15.58 6.27 -11.41
C LEU B 389 -15.04 5.44 -12.58
N PHE B 390 -14.80 4.16 -12.33
CA PHE B 390 -14.31 3.26 -13.37
C PHE B 390 -15.21 2.03 -13.27
N PRO B 391 -15.76 1.58 -14.41
CA PRO B 391 -16.67 0.44 -14.50
C PRO B 391 -16.27 -0.88 -13.86
N GLN B 392 -17.25 -1.49 -13.19
CA GLN B 392 -17.13 -2.80 -12.55
C GLN B 392 -18.54 -3.40 -12.56
N PRO B 393 -18.77 -4.43 -13.41
CA PRO B 393 -17.83 -5.04 -14.35
C PRO B 393 -17.35 -4.04 -15.40
N LEU B 394 -16.31 -4.42 -16.15
CA LEU B 394 -15.73 -3.52 -17.13
C LEU B 394 -16.64 -3.01 -18.24
N THR B 395 -17.70 -3.73 -18.57
CA THR B 395 -18.59 -3.24 -19.62
C THR B 395 -19.88 -2.63 -19.10
N ASP B 396 -19.92 -2.36 -17.79
CA ASP B 396 -21.08 -1.72 -17.19
C ASP B 396 -21.00 -0.27 -17.64
N ARG B 397 -22.14 0.30 -18.01
CA ARG B 397 -22.18 1.69 -18.49
C ARG B 397 -23.29 2.50 -17.85
N LYS B 398 -22.95 3.66 -17.30
CA LYS B 398 -23.93 4.56 -16.71
C LYS B 398 -24.37 5.54 -17.80
N TYR B 399 -23.54 5.68 -18.83
CA TYR B 399 -23.82 6.58 -19.96
C TYR B 399 -23.51 5.83 -21.25
N PRO B 400 -24.38 4.90 -21.64
CA PRO B 400 -24.25 4.07 -22.84
C PRO B 400 -24.18 4.79 -24.19
N ASN B 401 -23.34 4.26 -25.07
CA ASN B 401 -23.19 4.74 -26.44
C ASN B 401 -22.97 6.24 -26.64
N GLN B 402 -22.15 6.86 -25.81
CA GLN B 402 -21.89 8.29 -25.97
C GLN B 402 -21.26 8.57 -27.33
N CYS B 403 -20.46 7.64 -27.83
CA CYS B 403 -19.79 7.84 -29.10
C CYS B 403 -20.68 7.63 -30.32
N GLY B 404 -21.82 6.97 -30.12
CA GLY B 404 -22.74 6.77 -31.23
C GLY B 404 -23.77 7.87 -31.34
N THR B 405 -23.94 8.62 -30.25
CA THR B 405 -24.91 9.71 -30.19
C THR B 405 -24.24 11.04 -29.87
N ILE B 406 -23.15 11.34 -30.58
CA ILE B 406 -22.40 12.57 -30.36
C ILE B 406 -23.10 13.82 -30.92
N SER B 407 -22.80 14.95 -30.30
CA SER B 407 -23.34 16.26 -30.70
C SER B 407 -24.83 16.47 -30.43
N ASN B 408 -25.22 17.74 -30.49
CA ASN B 408 -26.60 18.17 -30.27
C ASN B 408 -26.68 19.69 -30.38
C1 NAG C . -18.80 6.81 4.35
C2 NAG C . -19.92 7.73 3.91
C3 NAG C . -19.35 9.13 3.65
C4 NAG C . -18.51 9.64 4.85
C5 NAG C . -17.54 8.55 5.38
C6 NAG C . -16.90 8.91 6.71
C7 NAG C . -21.62 6.45 2.78
C8 NAG C . -21.78 5.36 1.74
N2 NAG C . -20.54 7.21 2.70
O3 NAG C . -20.41 10.02 3.39
O4 NAG C . -17.74 10.79 4.45
O5 NAG C . -18.23 7.29 5.58
O6 NAG C . -17.83 9.56 7.57
O7 NAG C . -22.48 6.60 3.66
C1 NAG C . -18.41 12.00 4.27
C2 NAG C . -17.44 13.17 4.44
C3 NAG C . -18.16 14.50 4.13
C4 NAG C . -18.94 14.46 2.81
C5 NAG C . -19.75 13.16 2.68
C6 NAG C . -20.35 12.98 1.30
C7 NAG C . -15.77 12.64 6.11
C8 NAG C . -15.65 12.00 7.48
N2 NAG C . -16.93 13.20 5.80
O3 NAG C . -17.19 15.53 4.08
O4 NAG C . -19.85 15.58 2.78
O5 NAG C . -18.92 12.00 2.93
O6 NAG C . -19.46 13.44 0.28
O7 NAG C . -14.82 12.63 5.32
C1 BMA C . -19.71 16.51 1.77
C2 BMA C . -20.99 17.35 1.71
C3 BMA C . -20.86 18.51 0.73
C4 BMA C . -19.57 19.31 1.00
C5 BMA C . -18.36 18.38 1.11
C6 BMA C . -17.12 19.14 1.56
O2 BMA C . -21.30 17.84 3.00
O3 BMA C . -21.99 19.40 0.88
O4 BMA C . -19.37 20.24 -0.04
O5 BMA C . -18.60 17.36 2.10
O6 BMA C . -17.39 19.82 2.80
C1 MAN C . -16.22 20.08 3.52
C2 MAN C . -16.48 19.90 5.03
C3 MAN C . -17.35 21.02 5.58
C4 MAN C . -16.74 22.38 5.23
C5 MAN C . -16.50 22.49 3.72
C6 MAN C . -15.81 23.79 3.33
O2 MAN C . -15.23 19.88 5.72
O3 MAN C . -17.45 20.89 7.02
O4 MAN C . -17.60 23.43 5.64
O5 MAN C . -15.68 21.39 3.25
O6 MAN C . -14.38 23.58 3.20
C1 MAN C . -18.70 21.12 7.63
C2 MAN C . -19.73 20.05 7.21
C3 MAN C . -21.06 20.31 7.91
C4 MAN C . -21.54 21.76 7.73
C5 MAN C . -20.42 22.77 8.08
C6 MAN C . -20.10 22.86 9.56
O2 MAN C . -19.25 18.74 7.58
O3 MAN C . -20.93 20.02 9.30
O4 MAN C . -21.97 21.97 6.40
O5 MAN C . -19.20 22.43 7.37
O6 MAN C . -18.86 23.52 9.77
C1 BMA C . -18.66 17.99 6.55
C2 BMA C . -17.74 16.91 7.15
C3 BMA C . -18.44 15.54 7.20
C4 BMA C . -19.95 15.71 7.41
C5 BMA C . -20.57 16.51 6.24
C6 BMA C . -21.79 17.31 6.66
O2 BMA C . -17.35 17.27 8.46
O3 BMA C . -17.91 14.76 8.24
O4 BMA C . -20.57 14.44 7.50
O5 BMA C . -19.62 17.43 5.65
O6 BMA C . -22.66 17.52 5.57
C1 BMA C . -13.60 24.24 4.17
C2 BMA C . -13.42 25.73 3.82
C3 BMA C . -12.51 26.39 4.87
C4 BMA C . -13.06 26.14 6.28
C5 BMA C . -13.24 24.63 6.51
C6 BMA C . -13.88 24.32 7.86
O2 BMA C . -14.69 26.41 3.76
O3 BMA C . -12.44 27.79 4.63
O4 BMA C . -12.14 26.65 7.24
O5 BMA C . -14.11 24.09 5.49
O6 BMA C . -15.18 24.89 7.96
C1 MAN C . -14.78 27.41 2.78
C2 MAN C . -15.80 28.47 3.19
C3 MAN C . -17.23 27.95 3.06
C4 MAN C . -17.46 27.39 1.66
C5 MAN C . -16.41 26.32 1.34
C6 MAN C . -16.53 25.77 -0.07
O2 MAN C . -15.63 29.63 2.37
O3 MAN C . -18.15 28.98 3.33
O4 MAN C . -18.76 26.83 1.57
O5 MAN C . -15.08 26.87 1.48
O6 MAN C . -16.26 26.77 -1.03
C1 BMA C . -23.14 19.08 0.14
C2 BMA C . -24.02 18.09 0.92
C3 BMA C . -25.34 17.80 0.17
C4 BMA C . -26.03 19.09 -0.28
C5 BMA C . -25.04 19.99 -1.03
C6 BMA C . -25.63 21.33 -1.41
O2 BMA C . -24.28 18.55 2.28
O3 BMA C . -26.21 17.06 1.01
O4 BMA C . -27.12 18.77 -1.13
O5 BMA C . -23.88 20.25 -0.20
O6 BMA C . -26.09 22.02 -0.25
C1 BMA C . -25.14 19.65 2.47
C2 BMA C . -26.24 19.29 3.48
C3 BMA C . -25.94 19.87 4.87
C4 BMA C . -24.44 19.86 5.14
C5 BMA C . -23.72 20.76 4.13
C6 BMA C . -22.31 20.31 3.83
O2 BMA C . -26.39 17.88 3.58
O3 BMA C . -26.61 19.09 5.87
O4 BMA C . -24.17 20.30 6.46
O5 BMA C . -24.44 20.83 2.86
O6 BMA C . -21.38 21.37 4.03
C1 NAG D . -10.82 -20.01 39.13
C2 NAG D . -9.29 -19.98 39.20
C3 NAG D . -8.85 -19.50 40.59
C4 NAG D . -9.53 -18.17 40.97
C5 NAG D . -11.05 -18.30 40.78
C6 NAG D . -11.81 -17.01 41.03
C7 NAG D . -7.65 -21.46 38.25
C8 NAG D . -6.34 -21.55 39.03
N2 NAG D . -8.76 -21.30 38.95
O3 NAG D . -7.44 -19.34 40.61
O4 NAG D . -9.24 -17.86 42.35
O5 NAG D . -11.35 -18.71 39.43
O6 NAG D . -13.21 -17.23 41.01
O7 NAG D . -7.64 -21.53 37.02
C1 NAG D . -8.66 -16.63 42.68
C2 NAG D . -7.27 -16.48 42.07
C3 NAG D . -6.67 -15.13 42.52
C4 NAG D . -7.66 -13.96 42.29
C5 NAG D . -9.08 -14.31 42.78
C6 NAG D . -10.12 -13.28 42.38
C7 NAG D . -5.19 -17.70 42.02
C8 NAG D . -4.03 -17.25 42.89
N2 NAG D . -6.41 -17.58 42.51
O3 NAG D . -5.47 -14.89 41.80
O4 NAG D . -7.21 -12.79 43.00
O5 NAG D . -9.51 -15.58 42.24
O6 NAG D . -10.13 -12.19 43.30
O7 NAG D . -4.96 -18.18 40.91
C1 BMA D . -6.10 -12.10 42.52
C2 BMA D . -6.20 -10.63 42.91
C3 BMA D . -4.93 -9.88 42.49
C4 BMA D . -3.68 -10.59 43.05
C5 BMA D . -3.70 -12.08 42.67
C6 BMA D . -2.56 -12.84 43.32
O2 BMA D . -6.37 -10.52 44.32
O3 BMA D . -4.99 -8.50 42.93
O4 BMA D . -2.52 -9.98 42.54
O5 BMA D . -4.93 -12.69 43.11
O6 BMA D . -2.21 -13.99 42.51
C1 BMA D . -4.66 -8.23 44.28
C2 BMA D . -3.23 -7.70 44.38
C3 BMA D . -2.89 -7.40 45.85
C4 BMA D . -3.94 -6.48 46.48
C5 BMA D . -5.35 -7.05 46.27
C6 BMA D . -6.43 -6.12 46.75
O2 BMA D . -3.08 -6.49 43.61
O3 BMA D . -1.61 -6.80 45.93
O4 BMA D . -3.68 -6.34 47.88
O5 BMA D . -5.58 -7.30 44.87
O6 BMA D . -6.42 -4.90 46.02
C1 BMA D . -0.83 -14.15 42.34
C2 BMA D . -0.29 -13.20 41.26
C3 BMA D . 1.23 -13.39 41.08
C4 BMA D . 1.94 -13.25 42.42
C5 BMA D . 1.33 -14.22 43.44
C6 BMA D . 1.93 -14.09 44.83
O2 BMA D . -0.57 -11.85 41.61
O3 BMA D . 1.72 -12.39 40.16
O4 BMA D . 3.32 -13.53 42.26
O5 BMA D . -0.09 -13.99 43.56
O6 BMA D . 1.60 -12.80 45.40
C1 NAG E . 2.66 -17.82 -9.24
C2 NAG E . 2.63 -19.31 -8.86
C3 NAG E . 3.66 -19.59 -7.74
C4 NAG E . 5.04 -19.01 -8.10
C5 NAG E . 4.94 -17.55 -8.57
C6 NAG E . 6.25 -17.03 -9.11
C7 NAG E . 1.00 -20.95 -8.17
C8 NAG E . 0.57 -21.30 -6.76
N2 NAG E . 1.31 -19.68 -8.41
O3 NAG E . 3.78 -20.99 -7.52
O4 NAG E . 5.90 -19.07 -6.94
O5 NAG E . 3.98 -17.45 -9.64
O6 NAG E . 6.34 -17.23 -10.51
O7 NAG E . 1.07 -21.83 -9.03
C1 NAG E . 6.84 -20.07 -6.92
C2 NAG E . 8.22 -19.47 -6.59
C3 NAG E . 9.26 -20.57 -6.40
C4 NAG E . 8.76 -21.62 -5.39
C5 NAG E . 7.38 -22.13 -5.81
C6 NAG E . 6.78 -23.12 -4.82
C7 NAG E . 9.42 -17.56 -7.42
C8 NAG E . 8.78 -16.29 -6.88
N2 NAG E . 8.62 -18.60 -7.67
O3 NAG E . 10.48 -20.01 -5.93
O4 NAG E . 9.69 -22.72 -5.34
O5 NAG E . 6.46 -21.03 -5.91
O6 NAG E . 6.47 -22.48 -3.59
O7 NAG E . 10.63 -17.59 -7.63
C1 MAN E . 10.22 -23.04 -4.10
C2 MAN E . 10.85 -24.43 -4.17
C3 MAN E . 11.52 -24.75 -2.83
C4 MAN E . 12.53 -23.66 -2.47
C5 MAN E . 11.83 -22.29 -2.49
C6 MAN E . 12.77 -21.13 -2.21
O2 MAN E . 11.82 -24.46 -5.20
O3 MAN E . 12.18 -26.03 -2.89
O4 MAN E . 13.07 -23.90 -1.18
O5 MAN E . 11.21 -22.06 -3.78
O6 MAN E . 13.62 -20.89 -3.34
C1 BMA E . 11.41 -27.13 -2.50
C2 BMA E . 10.73 -27.78 -3.72
C3 BMA E . 9.93 -29.02 -3.32
C4 BMA E . 10.77 -29.97 -2.46
C5 BMA E . 11.41 -29.21 -1.29
C6 BMA E . 12.34 -30.07 -0.47
O2 BMA E . 11.73 -28.13 -4.71
O3 BMA E . 9.48 -29.70 -4.48
O4 BMA E . 9.94 -31.01 -1.95
O5 BMA E . 12.18 -28.10 -1.79
O6 BMA E . 11.63 -30.89 0.45
C1 BMA E . 11.93 -27.18 -5.71
C2 BMA E . 13.26 -27.42 -6.42
C3 BMA E . 13.48 -26.32 -7.47
C4 BMA E . 12.29 -26.27 -8.44
C5 BMA E . 10.98 -26.11 -7.65
C6 BMA E . 9.75 -26.20 -8.55
O2 BMA E . 13.25 -28.69 -7.05
O3 BMA E . 14.68 -26.57 -8.20
O4 BMA E . 12.44 -25.17 -9.33
O5 BMA E . 10.86 -27.15 -6.66
O6 BMA E . 8.58 -25.77 -7.86
C1 BMA E . 14.97 -21.10 -3.02
C2 BMA E . 15.45 -22.40 -3.70
C3 BMA E . 16.80 -22.21 -4.42
C4 BMA E . 17.80 -21.41 -3.56
C5 BMA E . 17.18 -20.14 -2.97
C6 BMA E . 17.90 -18.87 -3.37
O2 BMA E . 14.48 -22.86 -4.62
O3 BMA E . 16.60 -21.53 -5.68
O4 BMA E . 18.29 -22.23 -2.52
O5 BMA E . 15.80 -20.01 -3.39
O6 BMA E . 17.80 -18.66 -4.79
C1 BMA E . 16.35 -22.38 -6.78
C2 BMA E . 16.04 -21.53 -8.03
C3 BMA E . 15.76 -22.46 -9.22
C4 BMA E . 16.92 -23.47 -9.41
C5 BMA E . 17.21 -24.20 -8.09
C6 BMA E . 18.44 -25.09 -8.19
O2 BMA E . 17.15 -20.67 -8.34
O3 BMA E . 15.60 -21.69 -10.41
O4 BMA E . 16.57 -24.41 -10.42
O5 BMA E . 17.45 -23.26 -7.04
O6 BMA E . 18.26 -26.29 -7.46
C1 BMA E . 16.98 -17.57 -5.09
C2 BMA E . 17.82 -16.30 -5.28
C3 BMA E . 16.92 -15.11 -5.62
C4 BMA E . 16.01 -15.44 -6.82
C5 BMA E . 15.24 -16.74 -6.55
C6 BMA E . 14.41 -17.19 -7.74
O2 BMA E . 18.78 -16.51 -6.34
O3 BMA E . 17.72 -13.98 -5.94
O4 BMA E . 15.09 -14.37 -7.02
O5 BMA E . 16.18 -17.80 -6.25
O6 BMA E . 15.24 -17.61 -8.80
C1 NAG F . -8.31 7.69 -43.50
C2 NAG F . -8.45 8.92 -42.61
C3 NAG F . -7.89 10.14 -43.33
C4 NAG F . -6.43 9.87 -43.70
C5 NAG F . -6.33 8.59 -44.54
C6 NAG F . -4.89 8.20 -44.84
C7 NAG F . -10.18 9.65 -41.10
C8 NAG F . -10.51 11.13 -41.07
N2 NAG F . -9.85 9.13 -42.28
O3 NAG F . -7.97 11.28 -42.48
O4 NAG F . -5.88 11.00 -44.43
O5 NAG F . -6.92 7.48 -43.83
O6 NAG F . -4.78 6.82 -45.15
O7 NAG F . -10.21 8.99 -40.06
C1 NAG F . -6.38 11.27 -45.71
C2 NAG F . -5.25 11.76 -46.62
C3 NAG F . -4.72 13.12 -46.16
C4 NAG F . -5.88 14.11 -46.02
C5 NAG F . -6.95 13.52 -45.08
C6 NAG F . -8.16 14.43 -44.95
C7 NAG F . -3.66 10.36 -47.77
C8 NAG F . -2.43 11.07 -48.32
N2 NAG F . -4.16 10.79 -46.63
O3 NAG F . -3.78 13.62 -47.10
O4 NAG F . -5.39 15.36 -45.48
O5 NAG F . -7.42 12.26 -45.60
O6 NAG F . -8.65 14.82 -46.23
O7 NAG F . -4.15 9.42 -48.41
C1 GOL G . -20.51 -6.62 33.53
O1 GOL G . -21.19 -5.40 33.21
C2 GOL G . -19.01 -6.44 33.29
O2 GOL G . -18.56 -5.40 34.17
C3 GOL G . -18.31 -7.69 33.58
O3 GOL G . -16.87 -7.48 33.35
C1 GOL H . 2.33 -3.16 19.84
O1 GOL H . 1.32 -2.28 19.31
C2 GOL H . 2.48 -4.40 18.96
O2 GOL H . 2.87 -3.94 17.67
C3 GOL H . 3.53 -5.27 19.54
O3 GOL H . 3.68 -6.46 18.68
C1 GOL I . -20.91 -12.92 33.23
O1 GOL I . -21.72 -12.28 32.22
C2 GOL I . -19.77 -11.99 33.64
O2 GOL I . -20.36 -10.80 34.17
C3 GOL I . -18.95 -12.63 34.66
O3 GOL I . -17.85 -11.72 35.04
C1 GOL J . -5.93 -7.01 -1.32
O1 GOL J . -5.88 -5.86 -2.17
C2 GOL J . -6.82 -6.69 -0.13
O2 GOL J . -8.13 -6.38 -0.63
C3 GOL J . -6.89 -7.84 0.77
O3 GOL J . -7.74 -7.47 1.91
C1 GOL K . 2.16 9.03 -17.99
O1 GOL K . 1.74 10.19 -17.25
C2 GOL K . 3.48 8.47 -17.40
O2 GOL K . 3.22 8.13 -16.03
C3 GOL K . 3.90 7.29 -18.15
O3 GOL K . 5.16 6.76 -17.58
C1 GOL L . -0.48 -5.88 -38.00
O1 GOL L . 0.04 -4.59 -38.29
C2 GOL L . 0.27 -6.95 -38.80
O2 GOL L . 1.66 -6.87 -38.48
C3 GOL L . -0.28 -8.26 -38.46
O3 GOL L . 0.44 -9.30 -39.20
C1 GOL M . -17.77 -1.65 -25.74
O1 GOL M . -17.19 -2.80 -26.37
C2 GOL M . -19.03 -2.07 -24.97
O2 GOL M . -18.64 -3.03 -23.99
C3 GOL M . -19.62 -0.90 -24.32
O3 GOL M . -20.83 -1.34 -23.59
C1 GOL N . -8.49 -4.69 -4.91
O1 GOL N . -7.90 -4.44 -6.19
C2 GOL N . -8.17 -3.51 -3.99
O2 GOL N . -8.73 -2.34 -4.60
C3 GOL N . -8.77 -3.73 -2.68
O3 GOL N . -8.44 -2.59 -1.83
C1 GOL O . 3.98 13.98 -21.70
O1 GOL O . 2.96 13.28 -22.43
C2 GOL O . 4.03 13.47 -20.25
O2 GOL O . 4.31 12.07 -20.31
C3 GOL O . 5.06 14.19 -19.51
O3 GOL O . 5.10 13.68 -18.14
#